data_6UXY
#
_entry.id   6UXY
#
_cell.length_a   102.370
_cell.length_b   140.800
_cell.length_c   178.420
_cell.angle_alpha   90.000
_cell.angle_beta   90.000
_cell.angle_gamma   90.000
#
_symmetry.space_group_name_H-M   'I 2 2 2'
#
loop_
_entity.id
_entity.type
_entity.pdbx_description
1 polymer 'Protein arginine N-methyltransferase 5'
2 polymer 'Methylosome protein 50'
3 non-polymer (5R)-2-amino-5-(2-cyclohexylethyl)-3-methyl-5-phenyl-3,5-dihydro-4H-imidazol-4-one
4 non-polymer 1,2-ETHANEDIOL
5 non-polymer GLYCEROL
6 water water
#
loop_
_entity_poly.entity_id
_entity_poly.type
_entity_poly.pdbx_seq_one_letter_code
_entity_poly.pdbx_strand_id
1 'polypeptide(L)'
;MDYKDDDDKAAMAVGGAGGSRVSSGRDLNCVPEIADTLGAVAKQGFDFLCMPVFHPRFKREFIQEPAKNRPGPQTRSDLL
LSGRDWNTLIVGKLSPWIRPDSKVEKIRRNSEAAMLQELNFGAYLGLPAFLLPLNQEDNTNLARVLTNHIHTGHHSSMFW
MRVPLVAPEDLRDDIIENAPTTHTEEYSGEEKTWMWWHNFRTLCDYSKRIAVALEIGADLPSNHVIDRWLGEPIKAAILP
TSIFLTNKKGFPVLSKMHQRLIFRLLKLEVQFIITGTNHHSEKEFCSYLQYLEYLSQNRPPPNAYELFAKGYEDYLQSPL
QPLMDNLESQTYEVFEKDPIKYSQYQQAIYKCLLDRVPEEEKDTNVQVLMVLGAGRGPLVNASLRAAKQADRRIKLYAVE
KNPNAVVTLENWQFEEWGSQVTVVSSDMREWVAPEKADIIVSELLGSFADNELSPECLDGAQHFLKDDGVSIPGEYTSFL
APISSSKLYNEVRACREKDRDPEAQFEMPYVVRLHNFHQLSAPQPCFTFSHPNRDPMIDNNRYCTLEFPVEVNTVLHGFA
GYFETVLYQDITLSIRPETHSPGMFSWFPILFPIKQPITVREGQTICVRFWRCSNSKKVWYEWAVTAPVCSAIHNPTGRS
YTIGL
;
A
2 'polypeptide(L)'
;MHHHHHHHHRKETPPPLVPPAAREWNLPPNAPACMERQLEAARYRSDGALLLGASSLSGRCWAGSLWLFKDPCAAPNEGF
CSAGVQTEAGVADLTWVGERGILVASDSGAVELWELDENETLIVSKFCKYEHDDIVSTVSVLSSGTQAVSGSKDICIKVW
DLAQQVVLSSYRAHAAQVTCVAASPHKDSVFLSCSEDNRILLWDTRCPKPASQIGCSAPGYLPTSLAWHPQQSEVFVFGD
ENGTVSLVDTKSTSCVLSSAVHSQCVTGLVFSPHSVPFLASLSEDCSLAVLDSSLSELFRSQAHRDFVRDATWSPLNHSL
LTTVGWDHQVVHHVVPTEPLPAPGPASVTE
;
B
#
loop_
_chem_comp.id
_chem_comp.type
_chem_comp.name
_chem_comp.formula
EDO non-polymer 1,2-ETHANEDIOL 'C2 H6 O2'
GOL non-polymer GLYCEROL 'C3 H8 O3'
QKY non-polymer (5R)-2-amino-5-(2-cyclohexylethyl)-3-methyl-5-phenyl-3,5-dihydro-4H-imidazol-4-one 'C18 H25 N3 O'
#
# COMPACT_ATOMS: atom_id res chain seq x y z
N ARG A 21 -7.14 12.61 15.24
CA ARG A 21 -6.46 11.42 15.75
C ARG A 21 -6.00 10.49 14.62
N VAL A 22 -5.21 9.45 14.98
CA VAL A 22 -4.67 8.47 14.04
C VAL A 22 -5.50 7.17 14.05
N SER A 23 -6.11 6.81 12.88
CA SER A 23 -6.85 5.55 12.72
C SER A 23 -5.77 4.49 12.46
N SER A 24 -5.52 3.62 13.46
CA SER A 24 -4.42 2.67 13.38
C SER A 24 -4.76 1.24 13.78
N GLY A 25 -4.03 0.26 13.20
CA GLY A 25 -4.21 -1.15 13.46
C GLY A 25 -2.91 -1.91 13.75
N ARG A 26 -3.04 -3.13 14.33
CA ARG A 26 -1.89 -3.98 14.68
C ARG A 26 -1.81 -5.19 13.73
N ASP A 27 -0.61 -5.45 13.18
CA ASP A 27 -0.38 -6.60 12.31
C ASP A 27 0.23 -7.75 13.09
N LEU A 28 -0.39 -8.94 13.02
CA LEU A 28 0.09 -10.13 13.73
C LEU A 28 0.00 -11.37 12.86
N ASN A 29 1.10 -12.13 12.77
CA ASN A 29 1.15 -13.39 12.00
C ASN A 29 1.04 -14.60 12.95
N CYS A 30 0.72 -14.33 14.25
CA CYS A 30 0.55 -15.33 15.29
C CYS A 30 -0.60 -14.95 16.23
N VAL A 31 -1.71 -15.71 16.16
CA VAL A 31 -2.90 -15.48 17.00
C VAL A 31 -3.35 -16.85 17.63
N PRO A 32 -2.86 -17.22 18.86
CA PRO A 32 -3.26 -18.52 19.46
C PRO A 32 -4.71 -18.53 19.96
N GLU A 33 -5.12 -17.47 20.70
CA GLU A 33 -6.49 -17.32 21.22
C GLU A 33 -7.07 -15.99 20.68
N ILE A 34 -7.95 -16.08 19.66
CA ILE A 34 -8.59 -14.93 18.97
C ILE A 34 -9.29 -13.92 19.96
N ALA A 35 -9.92 -14.44 21.05
CA ALA A 35 -10.59 -13.60 22.05
C ALA A 35 -9.59 -12.86 22.94
N ASP A 36 -8.53 -13.57 23.41
CA ASP A 36 -7.48 -13.01 24.27
C ASP A 36 -6.56 -12.04 23.51
N THR A 37 -6.24 -12.36 22.22
CA THR A 37 -5.36 -11.54 21.36
C THR A 37 -6.03 -10.19 21.02
N LEU A 38 -7.35 -10.21 20.67
CA LEU A 38 -8.10 -8.99 20.34
C LEU A 38 -8.22 -8.06 21.57
N GLY A 39 -8.33 -8.66 22.77
CA GLY A 39 -8.40 -7.91 24.02
C GLY A 39 -7.08 -7.25 24.37
N ALA A 40 -5.95 -7.91 24.00
CA ALA A 40 -4.59 -7.39 24.22
C ALA A 40 -4.28 -6.20 23.32
N VAL A 41 -4.70 -6.27 22.01
CA VAL A 41 -4.45 -5.18 21.03
C VAL A 41 -5.38 -3.96 21.28
N ALA A 42 -6.60 -4.20 21.84
CA ALA A 42 -7.56 -3.12 22.17
C ALA A 42 -7.06 -2.36 23.40
N LYS A 43 -6.42 -3.08 24.37
CA LYS A 43 -5.83 -2.49 25.59
C LYS A 43 -4.65 -1.58 25.21
N GLN A 44 -3.88 -1.98 24.16
CA GLN A 44 -2.73 -1.22 23.63
C GLN A 44 -3.19 0.08 22.92
N GLY A 45 -4.45 0.12 22.47
CA GLY A 45 -5.05 1.30 21.83
C GLY A 45 -5.29 1.19 20.33
N PHE A 46 -5.15 -0.03 19.76
CA PHE A 46 -5.34 -0.25 18.32
C PHE A 46 -6.83 -0.32 17.96
N ASP A 47 -7.21 0.33 16.82
CA ASP A 47 -8.60 0.35 16.34
C ASP A 47 -8.98 -0.96 15.65
N PHE A 48 -8.06 -1.54 14.82
CA PHE A 48 -8.31 -2.80 14.11
C PHE A 48 -7.12 -3.79 14.24
N LEU A 49 -7.27 -5.02 13.68
CA LEU A 49 -6.25 -6.06 13.76
C LEU A 49 -6.08 -6.80 12.43
N CYS A 50 -4.83 -6.85 11.92
CA CYS A 50 -4.46 -7.58 10.72
C CYS A 50 -3.98 -8.96 11.15
N MET A 51 -4.80 -9.99 10.92
CA MET A 51 -4.50 -11.36 11.34
C MET A 51 -4.84 -12.40 10.23
N PRO A 52 -4.23 -13.63 10.23
CA PRO A 52 -4.55 -14.60 9.18
C PRO A 52 -5.86 -15.36 9.43
N VAL A 53 -6.68 -15.54 8.36
CA VAL A 53 -7.98 -16.26 8.46
C VAL A 53 -7.77 -17.77 8.65
N PHE A 54 -6.63 -18.30 8.14
CA PHE A 54 -6.19 -19.70 8.29
C PHE A 54 -4.76 -19.66 8.84
N HIS A 55 -4.27 -20.77 9.50
CA HIS A 55 -2.91 -20.79 10.07
C HIS A 55 -1.85 -20.65 8.97
N PRO A 56 -0.86 -19.68 9.13
CA PRO A 56 0.14 -19.45 8.07
C PRO A 56 0.98 -20.67 7.65
N ARG A 57 1.23 -21.60 8.60
CA ARG A 57 2.02 -22.83 8.33
C ARG A 57 1.14 -24.00 7.83
N PHE A 58 -0.18 -23.92 8.06
CA PHE A 58 -1.13 -24.96 7.66
C PHE A 58 -1.29 -25.05 6.13
N LYS A 59 -0.35 -25.76 5.46
CA LYS A 59 -0.38 -25.95 4.00
C LYS A 59 -1.40 -27.01 3.63
N ARG A 60 -2.45 -26.63 2.89
CA ARG A 60 -3.52 -27.54 2.48
C ARG A 60 -3.28 -28.14 1.10
N GLU A 61 -3.74 -29.39 0.88
CA GLU A 61 -3.66 -30.08 -0.40
C GLU A 61 -5.09 -30.18 -1.00
N PHE A 62 -5.22 -30.06 -2.34
CA PHE A 62 -6.53 -30.05 -3.01
C PHE A 62 -6.68 -31.07 -4.16
N ILE A 63 -5.54 -31.66 -4.64
CA ILE A 63 -5.57 -32.57 -5.80
C ILE A 63 -4.96 -33.98 -5.49
N GLN A 64 -3.78 -34.02 -4.84
CA GLN A 64 -3.05 -35.29 -4.57
C GLN A 64 -3.49 -36.01 -3.29
N GLU A 65 -3.85 -37.31 -3.42
CA GLU A 65 -4.25 -38.16 -2.28
C GLU A 65 -2.98 -38.73 -1.57
N PRO A 66 -3.00 -38.95 -0.22
CA PRO A 66 -4.12 -38.82 0.73
C PRO A 66 -4.17 -37.51 1.55
N ALA A 67 -3.29 -36.52 1.23
CA ALA A 67 -3.24 -35.23 1.95
C ALA A 67 -4.49 -34.36 1.70
N LYS A 68 -5.15 -34.52 0.51
CA LYS A 68 -6.37 -33.75 0.15
C LYS A 68 -7.59 -34.17 1.01
N ASN A 69 -7.57 -35.43 1.55
CA ASN A 69 -8.67 -35.99 2.37
C ASN A 69 -8.40 -35.77 3.89
N ARG A 70 -7.61 -34.72 4.23
CA ARG A 70 -7.26 -34.37 5.61
C ARG A 70 -8.54 -34.02 6.43
N PRO A 71 -8.73 -34.68 7.64
CA PRO A 71 -9.93 -34.37 8.45
C PRO A 71 -9.97 -32.93 8.94
N GLY A 72 -11.17 -32.35 8.91
CA GLY A 72 -11.40 -30.97 9.32
C GLY A 72 -11.36 -30.75 10.83
N PRO A 73 -11.57 -29.48 11.31
CA PRO A 73 -11.83 -28.25 10.52
C PRO A 73 -10.58 -27.73 9.81
N GLN A 74 -10.76 -26.89 8.77
CA GLN A 74 -9.64 -26.32 8.00
C GLN A 74 -9.12 -25.05 8.70
N THR A 75 -9.99 -24.39 9.51
CA THR A 75 -9.68 -23.21 10.34
C THR A 75 -10.68 -23.08 11.50
N ARG A 76 -10.52 -22.05 12.37
CA ARG A 76 -11.41 -21.82 13.50
C ARG A 76 -12.78 -21.25 13.09
N SER A 77 -13.81 -21.44 13.95
CA SER A 77 -15.19 -21.02 13.72
C SER A 77 -15.40 -19.52 13.63
N ASP A 78 -16.50 -19.10 12.96
CA ASP A 78 -16.91 -17.70 12.81
C ASP A 78 -17.70 -17.24 14.05
N LEU A 79 -18.16 -18.20 14.88
CA LEU A 79 -18.93 -17.95 16.12
C LEU A 79 -18.07 -17.31 17.23
N LEU A 80 -16.73 -17.41 17.11
CA LEU A 80 -15.76 -16.89 18.10
C LEU A 80 -15.81 -15.37 18.27
N LEU A 81 -16.28 -14.64 17.22
CA LEU A 81 -16.44 -13.18 17.26
C LEU A 81 -17.81 -12.80 16.73
N SER A 82 -18.39 -11.69 17.25
CA SER A 82 -19.70 -11.20 16.80
C SER A 82 -19.57 -10.59 15.39
N GLY A 83 -20.72 -10.46 14.69
CA GLY A 83 -20.78 -9.90 13.33
C GLY A 83 -20.13 -8.54 13.21
N ARG A 84 -20.38 -7.65 14.20
CA ARG A 84 -19.81 -6.29 14.28
C ARG A 84 -18.26 -6.35 14.40
N ASP A 85 -17.74 -7.35 15.17
CA ASP A 85 -16.28 -7.54 15.36
C ASP A 85 -15.57 -7.93 14.06
N TRP A 86 -16.18 -8.84 13.25
CA TRP A 86 -15.61 -9.27 11.96
C TRP A 86 -15.67 -8.12 10.92
N ASN A 87 -16.76 -7.30 10.97
CA ASN A 87 -17.03 -6.20 10.03
C ASN A 87 -16.22 -4.93 10.26
N THR A 88 -15.80 -4.66 11.54
CA THR A 88 -15.10 -3.40 11.85
C THR A 88 -13.71 -3.54 12.53
N LEU A 89 -13.41 -4.73 13.12
CA LEU A 89 -12.15 -4.89 13.86
C LEU A 89 -11.11 -5.86 13.24
N ILE A 90 -11.53 -6.76 12.32
CA ILE A 90 -10.61 -7.75 11.74
C ILE A 90 -10.32 -7.54 10.24
N VAL A 91 -9.02 -7.34 9.89
CA VAL A 91 -8.55 -7.21 8.49
C VAL A 91 -7.82 -8.54 8.12
N GLY A 92 -8.35 -9.25 7.12
CA GLY A 92 -7.84 -10.54 6.67
C GLY A 92 -6.42 -10.51 6.12
N LYS A 93 -5.74 -11.68 6.15
CA LYS A 93 -4.37 -11.83 5.66
C LYS A 93 -4.23 -13.13 4.88
N LEU A 94 -3.66 -13.05 3.66
CA LEU A 94 -3.43 -14.23 2.83
C LEU A 94 -2.22 -15.00 3.37
N SER A 95 -2.31 -16.35 3.42
CA SER A 95 -1.24 -17.21 3.92
C SER A 95 0.04 -17.06 3.06
N PRO A 96 1.26 -16.98 3.71
CA PRO A 96 2.50 -16.76 2.93
C PRO A 96 2.88 -17.88 1.97
N TRP A 97 2.44 -19.14 2.26
CA TRP A 97 2.75 -20.31 1.41
C TRP A 97 2.01 -20.29 0.06
N ILE A 98 0.91 -19.49 -0.03
CA ILE A 98 0.12 -19.36 -1.27
C ILE A 98 0.93 -18.55 -2.31
N ARG A 99 1.42 -19.25 -3.34
CA ARG A 99 2.23 -18.67 -4.41
C ARG A 99 1.61 -19.02 -5.78
N PRO A 100 0.59 -18.21 -6.25
CA PRO A 100 -0.07 -18.53 -7.54
C PRO A 100 0.82 -18.32 -8.77
N ASP A 101 2.02 -17.76 -8.60
CA ASP A 101 2.94 -17.53 -9.73
C ASP A 101 4.27 -18.31 -9.56
N SER A 102 4.20 -19.42 -8.79
CA SER A 102 5.32 -20.33 -8.55
C SER A 102 5.71 -21.04 -9.86
N LYS A 103 7.02 -21.36 -10.01
CA LYS A 103 7.54 -22.07 -11.20
C LYS A 103 7.02 -23.52 -11.26
N VAL A 104 6.60 -24.09 -10.08
CA VAL A 104 6.06 -25.46 -9.99
C VAL A 104 4.54 -25.42 -10.22
N GLU A 105 4.05 -26.18 -11.23
CA GLU A 105 2.64 -26.27 -11.59
C GLU A 105 1.77 -26.73 -10.40
N LYS A 106 2.27 -27.75 -9.63
CA LYS A 106 1.56 -28.29 -8.46
C LYS A 106 1.31 -27.25 -7.38
N ILE A 107 2.36 -26.43 -7.04
CA ILE A 107 2.25 -25.35 -6.04
C ILE A 107 1.32 -24.25 -6.57
N ARG A 108 1.42 -23.95 -7.88
CA ARG A 108 0.61 -22.96 -8.58
C ARG A 108 -0.89 -23.31 -8.50
N ARG A 109 -1.26 -24.56 -8.92
CA ARG A 109 -2.66 -25.05 -8.90
C ARG A 109 -3.24 -25.13 -7.49
N ASN A 110 -2.41 -25.54 -6.50
CA ASN A 110 -2.82 -25.64 -5.10
C ASN A 110 -3.03 -24.28 -4.49
N SER A 111 -2.16 -23.29 -4.84
CA SER A 111 -2.24 -21.92 -4.36
C SER A 111 -3.47 -21.21 -4.91
N GLU A 112 -3.90 -21.56 -6.16
CA GLU A 112 -5.10 -20.99 -6.81
C GLU A 112 -6.36 -21.33 -6.00
N ALA A 113 -6.52 -22.64 -5.64
CA ALA A 113 -7.66 -23.15 -4.85
C ALA A 113 -7.63 -22.61 -3.43
N ALA A 114 -6.42 -22.52 -2.82
CA ALA A 114 -6.23 -22.00 -1.45
C ALA A 114 -6.51 -20.51 -1.37
N MET A 115 -6.17 -19.75 -2.44
CA MET A 115 -6.43 -18.30 -2.51
C MET A 115 -7.93 -18.08 -2.56
N LEU A 116 -8.64 -18.87 -3.43
CA LEU A 116 -10.10 -18.81 -3.55
C LEU A 116 -10.75 -19.17 -2.22
N GLN A 117 -10.24 -20.23 -1.55
CA GLN A 117 -10.71 -20.69 -0.24
C GLN A 117 -10.62 -19.54 0.79
N GLU A 118 -9.45 -18.86 0.87
CA GLU A 118 -9.19 -17.77 1.82
C GLU A 118 -9.93 -16.48 1.49
N LEU A 119 -10.11 -16.18 0.18
CA LEU A 119 -10.84 -14.97 -0.26
C LEU A 119 -12.33 -15.14 0.00
N ASN A 120 -12.88 -16.35 -0.31
CA ASN A 120 -14.30 -16.66 -0.08
C ASN A 120 -14.62 -16.65 1.42
N PHE A 121 -13.68 -17.17 2.26
CA PHE A 121 -13.84 -17.19 3.72
C PHE A 121 -13.82 -15.78 4.30
N GLY A 122 -12.97 -14.92 3.73
CA GLY A 122 -12.88 -13.50 4.12
C GLY A 122 -14.15 -12.74 3.81
N ALA A 123 -14.80 -13.08 2.66
CA ALA A 123 -16.08 -12.48 2.23
C ALA A 123 -17.21 -13.01 3.11
N TYR A 124 -17.14 -14.31 3.50
CA TYR A 124 -18.13 -14.98 4.38
C TYR A 124 -18.16 -14.32 5.76
N LEU A 125 -16.97 -14.00 6.34
CA LEU A 125 -16.85 -13.33 7.64
C LEU A 125 -17.33 -11.86 7.56
N GLY A 126 -17.27 -11.28 6.35
CA GLY A 126 -17.67 -9.90 6.10
C GLY A 126 -16.60 -8.92 6.53
N LEU A 127 -15.31 -9.28 6.31
CA LEU A 127 -14.16 -8.44 6.68
C LEU A 127 -14.10 -7.16 5.84
N PRO A 128 -13.76 -5.97 6.45
CA PRO A 128 -13.72 -4.72 5.68
C PRO A 128 -12.58 -4.66 4.66
N ALA A 129 -11.44 -5.36 4.95
CA ALA A 129 -10.26 -5.39 4.06
C ALA A 129 -9.53 -6.75 4.12
N PHE A 130 -8.81 -7.09 3.02
CA PHE A 130 -8.02 -8.33 2.93
C PHE A 130 -6.62 -8.03 2.37
N LEU A 131 -5.56 -8.45 3.11
CA LEU A 131 -4.17 -8.21 2.72
C LEU A 131 -3.62 -9.30 1.80
N LEU A 132 -3.12 -8.88 0.63
CA LEU A 132 -2.50 -9.78 -0.35
C LEU A 132 -1.11 -9.23 -0.68
N PRO A 133 -0.06 -10.09 -0.85
CA PRO A 133 1.28 -9.56 -1.05
C PRO A 133 1.73 -9.37 -2.49
N LEU A 134 2.51 -8.29 -2.72
CA LEU A 134 3.19 -7.99 -3.97
C LEU A 134 4.69 -7.94 -3.64
N ASN A 135 5.35 -9.11 -3.64
CA ASN A 135 6.77 -9.25 -3.27
C ASN A 135 7.67 -9.78 -4.42
N GLN A 136 7.15 -9.74 -5.66
CA GLN A 136 7.88 -10.16 -6.86
C GLN A 136 7.36 -9.43 -8.11
N GLU A 137 8.08 -9.55 -9.25
CA GLU A 137 7.70 -8.88 -10.50
C GLU A 137 6.45 -9.50 -11.14
N ASP A 138 6.41 -10.85 -11.21
CA ASP A 138 5.30 -11.57 -11.84
C ASP A 138 4.23 -12.01 -10.83
N ASN A 139 3.05 -11.38 -10.91
CA ASN A 139 1.88 -11.69 -10.07
C ASN A 139 0.61 -11.78 -10.95
N THR A 140 0.80 -12.13 -12.24
CA THR A 140 -0.26 -12.25 -13.26
C THR A 140 -1.36 -13.26 -12.89
N ASN A 141 -0.96 -14.43 -12.35
CA ASN A 141 -1.93 -15.45 -11.95
C ASN A 141 -2.64 -15.07 -10.64
N LEU A 142 -1.89 -14.41 -9.70
CA LEU A 142 -2.46 -13.89 -8.45
C LEU A 142 -3.52 -12.79 -8.81
N ALA A 143 -3.26 -12.04 -9.93
CA ALA A 143 -4.18 -11.03 -10.45
C ALA A 143 -5.46 -11.68 -10.98
N ARG A 144 -5.32 -12.78 -11.79
CA ARG A 144 -6.49 -13.52 -12.35
C ARG A 144 -7.40 -14.09 -11.26
N VAL A 145 -6.82 -14.77 -10.23
CA VAL A 145 -7.60 -15.36 -9.12
C VAL A 145 -8.35 -14.25 -8.34
N LEU A 146 -7.70 -13.07 -8.12
CA LEU A 146 -8.37 -11.96 -7.44
C LEU A 146 -9.46 -11.32 -8.33
N THR A 147 -9.16 -11.10 -9.65
CA THR A 147 -10.14 -10.53 -10.61
C THR A 147 -11.37 -11.46 -10.72
N ASN A 148 -11.14 -12.81 -10.66
CA ASN A 148 -12.23 -13.80 -10.70
C ASN A 148 -13.10 -13.73 -9.44
N HIS A 149 -12.47 -13.54 -8.25
CA HIS A 149 -13.18 -13.42 -6.96
C HIS A 149 -14.09 -12.17 -6.91
N ILE A 150 -13.61 -11.04 -7.49
CA ILE A 150 -14.36 -9.78 -7.54
C ILE A 150 -15.58 -9.90 -8.50
N HIS A 151 -15.39 -10.58 -9.66
CA HIS A 151 -16.46 -10.77 -10.65
C HIS A 151 -17.40 -11.96 -10.31
N THR A 152 -17.28 -12.52 -9.09
CA THR A 152 -18.14 -13.60 -8.58
C THR A 152 -18.88 -13.07 -7.32
N GLY A 153 -20.03 -12.43 -7.57
CA GLY A 153 -20.85 -11.84 -6.50
C GLY A 153 -20.35 -10.49 -6.07
N HIS A 154 -21.24 -9.45 -6.14
CA HIS A 154 -20.92 -8.06 -5.75
C HIS A 154 -20.73 -7.96 -4.23
N HIS A 155 -19.67 -7.24 -3.79
CA HIS A 155 -19.35 -7.05 -2.37
C HIS A 155 -18.71 -5.68 -2.10
N SER A 156 -18.82 -5.20 -0.83
CA SER A 156 -18.23 -3.92 -0.40
C SER A 156 -16.77 -4.14 0.11
N SER A 157 -16.27 -5.42 0.02
CA SER A 157 -14.93 -5.84 0.46
C SER A 157 -13.79 -5.11 -0.25
N MET A 158 -12.73 -4.75 0.51
CA MET A 158 -11.54 -4.07 0.00
C MET A 158 -10.32 -4.98 -0.01
N PHE A 159 -9.41 -4.78 -0.95
CA PHE A 159 -8.20 -5.58 -1.07
C PHE A 159 -6.98 -4.71 -1.02
N TRP A 160 -6.21 -4.82 0.07
CA TRP A 160 -5.00 -4.05 0.27
C TRP A 160 -3.80 -4.83 -0.19
N MET A 161 -3.06 -4.27 -1.17
CA MET A 161 -1.86 -4.91 -1.69
C MET A 161 -0.64 -4.47 -0.91
N ARG A 162 0.04 -5.44 -0.25
CA ARG A 162 1.23 -5.16 0.55
C ARG A 162 2.43 -4.97 -0.40
N VAL A 163 2.78 -3.69 -0.67
CA VAL A 163 3.90 -3.33 -1.56
C VAL A 163 4.94 -2.54 -0.78
N PRO A 164 6.24 -2.96 -0.81
CA PRO A 164 7.25 -2.18 -0.09
C PRO A 164 7.73 -0.97 -0.91
N LEU A 165 8.27 0.08 -0.22
CA LEU A 165 8.83 1.25 -0.93
C LEU A 165 10.09 0.82 -1.65
N VAL A 166 10.92 -0.01 -0.97
CA VAL A 166 12.16 -0.59 -1.51
C VAL A 166 12.00 -2.11 -1.45
N ALA A 167 12.29 -2.81 -2.58
CA ALA A 167 12.21 -4.27 -2.66
C ALA A 167 13.24 -4.91 -1.68
N PRO A 168 12.91 -6.06 -0.99
CA PRO A 168 13.89 -6.66 -0.04
C PRO A 168 15.25 -7.03 -0.66
N GLU A 169 15.29 -7.23 -2.01
CA GLU A 169 16.53 -7.53 -2.74
C GLU A 169 17.44 -6.30 -2.79
N ASP A 170 16.83 -5.08 -2.87
CA ASP A 170 17.57 -3.80 -2.90
C ASP A 170 17.75 -3.23 -1.47
N LEU A 171 17.26 -3.96 -0.45
CA LEU A 171 17.30 -3.57 0.95
C LEU A 171 18.29 -4.43 1.77
N ARG A 172 18.62 -5.66 1.28
CA ARG A 172 19.52 -6.63 1.94
C ARG A 172 20.91 -6.06 2.30
N ASP A 173 21.52 -6.58 3.38
CA ASP A 173 22.85 -6.16 3.83
C ASP A 173 23.91 -6.74 2.89
N ASP A 174 24.95 -5.93 2.53
CA ASP A 174 26.03 -6.37 1.66
C ASP A 174 27.00 -7.29 2.43
N ILE A 175 26.56 -8.54 2.68
CA ILE A 175 27.33 -9.51 3.45
C ILE A 175 27.62 -10.80 2.63
N ILE A 176 27.10 -10.88 1.37
CA ILE A 176 27.38 -12.02 0.49
C ILE A 176 28.68 -11.72 -0.26
N GLU A 177 29.73 -12.57 -0.03
CA GLU A 177 31.08 -12.44 -0.58
C GLU A 177 31.12 -12.38 -2.14
N ASN A 178 30.57 -13.40 -2.83
CA ASN A 178 30.59 -13.49 -4.30
C ASN A 178 29.35 -12.84 -4.98
N ALA A 179 28.51 -12.12 -4.21
CA ALA A 179 27.33 -11.41 -4.75
C ALA A 179 27.20 -10.01 -4.06
N PRO A 180 28.00 -8.99 -4.51
CA PRO A 180 27.92 -7.66 -3.87
C PRO A 180 26.69 -6.87 -4.31
N THR A 181 26.22 -5.94 -3.43
CA THR A 181 25.07 -5.08 -3.70
C THR A 181 25.47 -3.97 -4.69
N THR A 182 24.57 -3.64 -5.65
CA THR A 182 24.83 -2.59 -6.65
C THR A 182 24.84 -1.20 -6.02
N HIS A 183 25.98 -0.48 -6.15
CA HIS A 183 26.15 0.88 -5.60
C HIS A 183 25.91 1.95 -6.69
N THR A 184 25.88 1.52 -7.99
CA THR A 184 25.65 2.39 -9.15
C THR A 184 24.20 2.91 -9.19
N GLU A 185 24.01 4.13 -9.78
CA GLU A 185 22.70 4.76 -9.92
C GLU A 185 21.83 4.03 -10.95
N GLU A 186 20.61 3.63 -10.55
CA GLU A 186 19.62 2.96 -11.40
C GLU A 186 18.24 3.59 -11.16
N TYR A 187 17.98 4.75 -11.82
CA TYR A 187 16.75 5.56 -11.71
C TYR A 187 15.44 4.73 -11.85
N SER A 188 15.35 3.90 -12.93
CA SER A 188 14.18 3.05 -13.21
C SER A 188 14.13 1.82 -12.29
N GLY A 189 15.31 1.27 -11.95
CA GLY A 189 15.44 0.10 -11.08
C GLY A 189 15.02 0.37 -9.64
N GLU A 190 15.20 1.63 -9.18
CA GLU A 190 14.82 2.06 -7.82
C GLU A 190 13.28 2.21 -7.69
N GLU A 191 12.56 2.28 -8.84
CA GLU A 191 11.09 2.43 -8.89
C GLU A 191 10.38 1.10 -9.28
N LYS A 192 11.11 -0.06 -9.23
CA LYS A 192 10.56 -1.38 -9.63
C LYS A 192 9.31 -1.82 -8.82
N THR A 193 9.22 -1.44 -7.52
CA THR A 193 8.06 -1.81 -6.66
C THR A 193 6.76 -1.16 -7.12
N TRP A 194 6.85 0.08 -7.69
CA TRP A 194 5.68 0.78 -8.24
C TRP A 194 5.21 0.06 -9.51
N MET A 195 6.18 -0.48 -10.30
CA MET A 195 5.91 -1.25 -11.52
C MET A 195 5.17 -2.56 -11.16
N TRP A 196 5.48 -3.16 -9.97
CA TRP A 196 4.81 -4.38 -9.47
C TRP A 196 3.34 -4.09 -9.20
N TRP A 197 3.05 -2.90 -8.59
CA TRP A 197 1.71 -2.45 -8.26
C TRP A 197 0.94 -2.05 -9.53
N HIS A 198 1.58 -1.25 -10.41
CA HIS A 198 0.95 -0.76 -11.65
C HIS A 198 0.54 -1.90 -12.58
N ASN A 199 1.45 -2.89 -12.82
CA ASN A 199 1.16 -4.04 -13.68
C ASN A 199 0.03 -4.88 -13.14
N PHE A 200 -0.04 -5.06 -11.79
CA PHE A 200 -1.10 -5.81 -11.11
C PHE A 200 -2.43 -5.04 -11.21
N ARG A 201 -2.40 -3.73 -10.90
CA ARG A 201 -3.56 -2.83 -10.96
C ARG A 201 -4.16 -2.77 -12.39
N THR A 202 -3.27 -2.75 -13.45
CA THR A 202 -3.67 -2.74 -14.87
C THR A 202 -4.40 -4.03 -15.23
N LEU A 203 -3.81 -5.22 -14.87
CA LEU A 203 -4.38 -6.56 -15.13
C LEU A 203 -5.78 -6.72 -14.52
N CYS A 204 -5.98 -6.14 -13.30
CA CYS A 204 -7.26 -6.19 -12.56
C CYS A 204 -8.28 -5.14 -13.08
N ASP A 205 -7.95 -4.44 -14.20
CA ASP A 205 -8.78 -3.43 -14.87
C ASP A 205 -9.21 -2.26 -13.93
N TYR A 206 -8.21 -1.68 -13.19
CA TYR A 206 -8.39 -0.52 -12.28
C TYR A 206 -9.62 -0.70 -11.35
N SER A 207 -9.72 -1.87 -10.66
CA SER A 207 -10.83 -2.17 -9.75
C SER A 207 -10.87 -1.18 -8.59
N LYS A 208 -12.08 -0.66 -8.28
CA LYS A 208 -12.33 0.30 -7.20
C LYS A 208 -12.02 -0.35 -5.83
N ARG A 209 -12.09 -1.70 -5.78
CA ARG A 209 -11.89 -2.51 -4.57
C ARG A 209 -10.41 -2.91 -4.31
N ILE A 210 -9.46 -2.50 -5.18
CA ILE A 210 -8.02 -2.82 -5.00
C ILE A 210 -7.22 -1.56 -4.65
N ALA A 211 -6.62 -1.54 -3.44
CA ALA A 211 -5.85 -0.40 -2.94
C ALA A 211 -4.42 -0.79 -2.52
N VAL A 212 -3.61 0.22 -2.10
CA VAL A 212 -2.21 0.04 -1.71
C VAL A 212 -2.04 0.06 -0.19
N ALA A 213 -1.29 -0.92 0.34
CA ALA A 213 -0.89 -1.02 1.72
C ALA A 213 0.66 -0.89 1.71
N LEU A 214 1.15 0.37 1.53
CA LEU A 214 2.57 0.70 1.40
C LEU A 214 3.42 0.35 2.64
N GLU A 215 4.41 -0.53 2.44
CA GLU A 215 5.32 -0.97 3.50
C GLU A 215 6.62 -0.12 3.48
N ILE A 216 6.88 0.61 4.58
CA ILE A 216 8.04 1.51 4.71
C ILE A 216 9.26 0.75 5.29
N GLY A 217 10.42 0.88 4.61
CA GLY A 217 11.66 0.22 5.02
C GLY A 217 12.51 1.05 5.98
N ALA A 218 13.63 0.42 6.49
CA ALA A 218 14.57 1.06 7.43
C ALA A 218 15.20 2.32 6.85
N ASP A 219 15.67 2.24 5.58
CA ASP A 219 16.25 3.39 4.87
C ASP A 219 15.38 3.73 3.68
N LEU A 220 14.85 4.98 3.66
CA LEU A 220 13.97 5.47 2.60
C LEU A 220 14.70 5.64 1.26
N PRO A 221 13.99 5.43 0.10
CA PRO A 221 14.67 5.61 -1.20
C PRO A 221 14.78 7.09 -1.59
N SER A 222 15.22 7.37 -2.84
CA SER A 222 15.33 8.74 -3.36
C SER A 222 13.93 9.38 -3.47
N ASN A 223 13.87 10.74 -3.46
CA ASN A 223 12.60 11.51 -3.54
C ASN A 223 11.69 11.12 -4.71
N HIS A 224 12.29 10.82 -5.92
CA HIS A 224 11.52 10.43 -7.12
C HIS A 224 10.72 9.13 -6.95
N VAL A 225 11.27 8.14 -6.17
CA VAL A 225 10.62 6.84 -5.88
C VAL A 225 9.34 7.07 -5.03
N ILE A 226 9.46 7.90 -3.96
CA ILE A 226 8.35 8.24 -3.05
C ILE A 226 7.30 9.09 -3.81
N ASP A 227 7.78 9.99 -4.71
CA ASP A 227 6.91 10.85 -5.52
C ASP A 227 6.12 10.08 -6.59
N ARG A 228 6.59 8.85 -6.97
CA ARG A 228 5.90 8.00 -7.95
C ARG A 228 4.58 7.43 -7.36
N TRP A 229 4.49 7.34 -6.00
CA TRP A 229 3.31 6.86 -5.30
C TRP A 229 2.25 7.99 -5.07
N LEU A 230 2.53 9.24 -5.58
CA LEU A 230 1.60 10.37 -5.47
C LEU A 230 0.44 10.15 -6.46
N GLY A 231 -0.79 10.22 -5.96
CA GLY A 231 -2.00 10.02 -6.76
C GLY A 231 -2.43 8.57 -6.86
N GLU A 232 -1.74 7.67 -6.12
CA GLU A 232 -2.06 6.24 -6.08
C GLU A 232 -3.05 5.96 -4.95
N PRO A 233 -3.95 4.92 -5.07
CA PRO A 233 -4.93 4.67 -4.00
C PRO A 233 -4.33 4.03 -2.73
N ILE A 234 -3.56 4.81 -1.96
CA ILE A 234 -2.96 4.34 -0.71
C ILE A 234 -4.01 4.45 0.40
N LYS A 235 -4.43 3.30 0.95
CA LYS A 235 -5.44 3.26 2.02
C LYS A 235 -4.82 2.86 3.36
N ALA A 236 -3.60 2.27 3.32
CA ALA A 236 -2.88 1.83 4.51
C ALA A 236 -1.38 2.07 4.40
N ALA A 237 -0.71 2.31 5.55
CA ALA A 237 0.73 2.51 5.63
C ALA A 237 1.32 1.59 6.71
N ILE A 238 2.10 0.58 6.30
CA ILE A 238 2.68 -0.39 7.22
C ILE A 238 4.06 0.10 7.73
N LEU A 239 4.22 0.15 9.08
CA LEU A 239 5.45 0.60 9.74
C LEU A 239 6.01 -0.50 10.66
N PRO A 240 7.14 -1.17 10.27
CA PRO A 240 7.72 -2.21 11.14
C PRO A 240 8.41 -1.59 12.36
N THR A 241 8.56 -2.38 13.44
CA THR A 241 9.22 -1.93 14.69
C THR A 241 10.74 -1.70 14.46
N SER A 242 11.32 -2.40 13.44
CA SER A 242 12.74 -2.34 13.05
C SER A 242 13.18 -0.94 12.59
N ILE A 243 12.25 -0.18 11.94
CA ILE A 243 12.55 1.16 11.41
C ILE A 243 12.60 2.24 12.51
N PHE A 244 12.03 1.93 13.71
CA PHE A 244 12.00 2.85 14.84
C PHE A 244 13.36 2.96 15.52
N LEU A 245 13.80 4.21 15.77
CA LEU A 245 15.08 4.50 16.43
C LEU A 245 14.87 4.61 17.95
N THR A 246 15.96 4.49 18.73
CA THR A 246 15.90 4.60 20.19
C THR A 246 16.46 5.96 20.63
N ASN A 247 15.61 6.80 21.28
CA ASN A 247 16.02 8.15 21.73
C ASN A 247 16.87 8.07 23.03
N LYS A 248 17.36 9.26 23.52
CA LYS A 248 18.18 9.33 24.74
C LYS A 248 17.38 9.08 26.07
N LYS A 249 16.27 8.27 25.97
CA LYS A 249 15.43 7.90 27.12
C LYS A 249 15.03 6.39 27.08
N GLY A 250 15.09 5.79 25.88
CA GLY A 250 14.77 4.38 25.67
C GLY A 250 13.43 4.14 24.98
N PHE A 251 12.77 5.23 24.52
CA PHE A 251 11.47 5.18 23.84
C PHE A 251 11.62 5.10 22.29
N PRO A 252 10.66 4.42 21.56
CA PRO A 252 10.79 4.34 20.10
C PRO A 252 10.39 5.64 19.39
N VAL A 253 11.30 6.16 18.54
CA VAL A 253 11.11 7.40 17.76
C VAL A 253 11.38 7.12 16.25
N LEU A 254 11.30 8.16 15.39
CA LEU A 254 11.57 8.02 13.96
C LEU A 254 12.46 9.15 13.47
N SER A 255 13.28 8.88 12.41
CA SER A 255 14.18 9.89 11.82
C SER A 255 13.37 11.02 11.19
N LYS A 256 14.01 12.22 11.03
CA LYS A 256 13.36 13.42 10.45
C LYS A 256 12.86 13.17 9.01
N MET A 257 13.53 12.26 8.26
CA MET A 257 13.13 11.90 6.89
C MET A 257 11.90 11.00 6.92
N HIS A 258 11.83 10.08 7.92
CA HIS A 258 10.69 9.17 8.11
C HIS A 258 9.48 9.96 8.61
N GLN A 259 9.73 11.03 9.43
CA GLN A 259 8.68 11.92 9.97
C GLN A 259 8.00 12.71 8.84
N ARG A 260 8.81 13.17 7.83
CA ARG A 260 8.32 13.91 6.64
C ARG A 260 7.28 13.11 5.86
N LEU A 261 7.50 11.76 5.76
CA LEU A 261 6.59 10.84 5.07
C LEU A 261 5.29 10.64 5.86
N ILE A 262 5.38 10.59 7.23
CA ILE A 262 4.21 10.45 8.11
C ILE A 262 3.25 11.65 7.94
N PHE A 263 3.82 12.90 7.87
CA PHE A 263 3.03 14.13 7.67
C PHE A 263 2.28 14.10 6.33
N ARG A 264 2.96 13.59 5.25
CA ARG A 264 2.37 13.46 3.91
C ARG A 264 1.25 12.39 3.91
N LEU A 265 1.49 11.24 4.59
CA LEU A 265 0.54 10.14 4.69
C LEU A 265 -0.69 10.49 5.56
N LEU A 266 -0.50 11.35 6.61
CA LEU A 266 -1.58 11.79 7.50
C LEU A 266 -2.57 12.70 6.76
N LYS A 267 -2.06 13.53 5.80
CA LYS A 267 -2.87 14.43 4.97
C LYS A 267 -3.75 13.61 4.02
N LEU A 268 -3.26 12.42 3.59
CA LEU A 268 -4.00 11.50 2.71
C LEU A 268 -4.99 10.61 3.51
N GLU A 269 -4.97 10.76 4.88
CA GLU A 269 -5.84 10.04 5.84
C GLU A 269 -5.74 8.49 5.69
N VAL A 270 -4.50 7.97 5.65
CA VAL A 270 -4.24 6.52 5.53
C VAL A 270 -4.30 5.85 6.92
N GLN A 271 -4.61 4.54 6.94
CA GLN A 271 -4.67 3.78 8.19
C GLN A 271 -3.29 3.18 8.49
N PHE A 272 -2.63 3.68 9.55
CA PHE A 272 -1.28 3.23 9.92
C PHE A 272 -1.31 1.86 10.59
N ILE A 273 -0.47 0.93 10.10
CA ILE A 273 -0.39 -0.43 10.63
C ILE A 273 0.99 -0.70 11.24
N ILE A 274 1.03 -1.24 12.47
CA ILE A 274 2.29 -1.58 13.17
C ILE A 274 2.56 -3.08 13.05
N THR A 275 3.76 -3.46 12.56
CA THR A 275 4.14 -4.88 12.40
C THR A 275 5.48 -5.18 13.13
N GLY A 276 5.69 -6.47 13.45
CA GLY A 276 6.90 -6.93 14.12
C GLY A 276 6.82 -6.95 15.63
N THR A 277 7.75 -7.71 16.27
CA THR A 277 7.82 -7.84 17.74
C THR A 277 8.37 -6.56 18.40
N ASN A 278 8.17 -6.43 19.73
CA ASN A 278 8.63 -5.27 20.50
C ASN A 278 10.15 -5.35 20.73
N HIS A 279 10.92 -4.55 19.97
CA HIS A 279 12.39 -4.49 20.09
C HIS A 279 12.79 -3.64 21.30
N HIS A 280 11.90 -2.68 21.69
CA HIS A 280 12.09 -1.84 22.88
C HIS A 280 11.42 -2.58 24.08
N SER A 281 11.99 -3.79 24.44
CA SER A 281 11.49 -4.69 25.49
C SER A 281 11.29 -4.04 26.86
N GLU A 282 12.11 -3.00 27.18
CA GLU A 282 12.01 -2.26 28.46
C GLU A 282 10.72 -1.38 28.52
N LYS A 283 10.08 -1.14 27.33
CA LYS A 283 8.83 -0.38 27.20
C LYS A 283 7.66 -1.34 26.77
N GLU A 284 6.77 -0.91 25.81
CA GLU A 284 5.64 -1.74 25.31
C GLU A 284 5.20 -1.32 23.88
N PHE A 285 4.18 -2.03 23.29
CA PHE A 285 3.64 -1.73 21.95
C PHE A 285 2.85 -0.41 21.91
N CYS A 286 2.34 0.04 23.09
CA CYS A 286 1.57 1.29 23.23
C CYS A 286 2.42 2.54 22.92
N SER A 287 3.76 2.47 23.17
CA SER A 287 4.70 3.59 22.91
C SER A 287 4.88 3.87 21.41
N TYR A 288 4.81 2.80 20.54
CA TYR A 288 4.92 2.94 19.07
C TYR A 288 3.73 3.75 18.54
N LEU A 289 2.52 3.49 19.11
CA LEU A 289 1.28 4.18 18.77
C LEU A 289 1.26 5.60 19.31
N GLN A 290 1.81 5.79 20.55
CA GLN A 290 1.89 7.10 21.21
C GLN A 290 2.74 8.10 20.42
N TYR A 291 3.80 7.59 19.73
CA TYR A 291 4.68 8.44 18.90
C TYR A 291 3.97 8.90 17.62
N LEU A 292 3.10 8.03 17.03
CA LEU A 292 2.33 8.39 15.82
C LEU A 292 1.24 9.40 16.16
N GLU A 293 0.61 9.26 17.38
CA GLU A 293 -0.41 10.19 17.87
C GLU A 293 0.25 11.55 18.19
N TYR A 294 1.52 11.51 18.67
CA TYR A 294 2.33 12.69 18.99
C TYR A 294 2.66 13.48 17.70
N LEU A 295 2.85 12.75 16.56
CA LEU A 295 3.15 13.36 15.25
C LEU A 295 1.92 14.08 14.68
N SER A 296 0.71 13.50 14.86
CA SER A 296 -0.54 14.10 14.38
C SER A 296 -0.96 15.32 15.22
N GLN A 297 -0.75 15.26 16.55
CA GLN A 297 -1.09 16.35 17.46
C GLN A 297 -0.12 17.55 17.34
N ASN A 298 1.09 17.32 16.72
CA ASN A 298 2.11 18.36 16.53
C ASN A 298 2.53 18.54 15.03
N ARG A 299 1.64 18.13 14.08
CA ARG A 299 1.89 18.24 12.63
C ARG A 299 1.85 19.75 12.16
N PRO A 300 2.43 20.10 10.95
CA PRO A 300 2.41 21.52 10.50
C PRO A 300 1.00 22.17 10.48
N PRO A 301 0.90 23.51 10.78
CA PRO A 301 -0.44 24.15 10.83
C PRO A 301 -1.12 24.29 9.45
N PRO A 302 -2.49 24.11 9.38
CA PRO A 302 -3.17 24.25 8.08
C PRO A 302 -3.57 25.69 7.75
N ASN A 303 -3.94 25.95 6.46
CA ASN A 303 -4.37 27.28 5.99
C ASN A 303 -5.91 27.35 5.81
N ALA A 304 -6.44 28.55 5.39
CA ALA A 304 -7.89 28.77 5.16
C ALA A 304 -8.40 27.89 4.01
N TYR A 305 -7.54 27.63 2.99
CA TYR A 305 -7.84 26.76 1.83
C TYR A 305 -7.92 25.29 2.30
N GLU A 306 -7.14 24.93 3.36
CA GLU A 306 -7.10 23.58 3.96
C GLU A 306 -8.26 23.37 4.97
N LEU A 307 -8.99 24.47 5.32
CA LEU A 307 -10.12 24.42 6.27
C LEU A 307 -11.36 25.08 5.66
N SER A 318 -17.06 13.43 -2.44
CA SER A 318 -16.42 13.12 -3.72
C SER A 318 -15.33 14.16 -4.07
N PRO A 319 -14.14 13.71 -4.61
CA PRO A 319 -13.07 14.67 -4.95
C PRO A 319 -13.40 15.57 -6.14
N LEU A 320 -14.24 15.08 -7.09
CA LEU A 320 -14.62 15.86 -8.27
C LEU A 320 -16.10 16.13 -8.35
N GLN A 321 -16.45 17.36 -8.76
CA GLN A 321 -17.82 17.84 -8.92
C GLN A 321 -17.95 18.50 -10.31
N PRO A 322 -19.00 18.18 -11.12
CA PRO A 322 -19.12 18.82 -12.45
C PRO A 322 -19.49 20.32 -12.35
N LEU A 323 -19.35 21.07 -13.48
CA LEU A 323 -19.66 22.50 -13.53
C LEU A 323 -21.16 22.73 -13.30
N MET A 324 -21.51 23.48 -12.22
CA MET A 324 -22.89 23.75 -11.80
C MET A 324 -23.60 24.76 -12.69
N ASP A 325 -24.88 24.48 -13.04
CA ASP A 325 -25.69 25.36 -13.90
C ASP A 325 -27.07 25.73 -13.27
N ASN A 326 -27.49 25.00 -12.19
CA ASN A 326 -28.76 25.25 -11.50
C ASN A 326 -28.67 26.53 -10.63
N LEU A 327 -27.65 26.59 -9.71
CA LEU A 327 -27.38 27.73 -8.79
C LEU A 327 -28.56 28.06 -7.85
N GLU A 328 -28.54 27.47 -6.63
CA GLU A 328 -29.57 27.68 -5.59
C GLU A 328 -29.11 28.81 -4.62
N SER A 329 -29.96 29.15 -3.61
CA SER A 329 -29.67 30.20 -2.61
C SER A 329 -28.38 29.90 -1.82
N GLN A 330 -28.19 28.62 -1.42
CA GLN A 330 -27.00 28.17 -0.68
C GLN A 330 -25.77 28.06 -1.58
N THR A 331 -25.98 27.75 -2.89
CA THR A 331 -24.89 27.64 -3.89
C THR A 331 -24.32 29.05 -4.16
N TYR A 332 -25.20 30.09 -4.19
CA TYR A 332 -24.79 31.50 -4.34
C TYR A 332 -24.04 31.94 -3.06
N GLU A 333 -24.55 31.49 -1.87
CA GLU A 333 -24.01 31.80 -0.54
C GLU A 333 -22.55 31.34 -0.36
N VAL A 334 -22.23 30.05 -0.74
CA VAL A 334 -20.86 29.49 -0.62
C VAL A 334 -19.87 30.16 -1.60
N PHE A 335 -20.38 30.68 -2.75
CA PHE A 335 -19.58 31.39 -3.74
C PHE A 335 -19.32 32.84 -3.29
N GLU A 336 -20.20 33.37 -2.40
CA GLU A 336 -20.09 34.73 -1.82
C GLU A 336 -19.15 34.72 -0.58
N LYS A 337 -18.77 33.49 -0.11
CA LYS A 337 -17.89 33.29 1.05
C LYS A 337 -16.38 33.50 0.67
N ASP A 338 -16.07 34.69 0.10
CA ASP A 338 -14.71 35.05 -0.31
C ASP A 338 -14.43 36.55 -0.02
N PRO A 339 -14.03 36.90 1.26
CA PRO A 339 -13.78 38.33 1.58
C PRO A 339 -12.60 38.93 0.81
N ILE A 340 -11.56 38.11 0.49
CA ILE A 340 -10.36 38.55 -0.26
C ILE A 340 -10.72 38.97 -1.70
N LYS A 341 -11.68 38.24 -2.33
CA LYS A 341 -12.13 38.49 -3.71
C LYS A 341 -12.84 39.85 -3.85
N TYR A 342 -13.74 40.20 -2.91
CA TYR A 342 -14.51 41.46 -2.97
C TYR A 342 -13.74 42.66 -2.43
N SER A 343 -12.69 42.42 -1.56
CA SER A 343 -11.83 43.51 -1.07
C SER A 343 -10.94 44.00 -2.22
N GLN A 344 -10.56 43.06 -3.14
CA GLN A 344 -9.77 43.37 -4.34
C GLN A 344 -10.65 44.11 -5.34
N TYR A 345 -11.93 43.63 -5.52
CA TYR A 345 -12.91 44.28 -6.41
C TYR A 345 -13.22 45.70 -5.95
N GLN A 346 -13.27 45.91 -4.60
CA GLN A 346 -13.50 47.24 -3.99
C GLN A 346 -12.33 48.17 -4.36
N GLN A 347 -11.07 47.71 -4.12
CA GLN A 347 -9.83 48.46 -4.43
C GLN A 347 -9.70 48.77 -5.95
N ALA A 348 -10.16 47.84 -6.82
CA ALA A 348 -10.11 48.00 -8.28
C ALA A 348 -11.04 49.13 -8.76
N ILE A 349 -12.28 49.18 -8.21
CA ILE A 349 -13.28 50.20 -8.55
C ILE A 349 -12.85 51.56 -7.94
N TYR A 350 -12.38 51.53 -6.64
CA TYR A 350 -11.88 52.70 -5.91
C TYR A 350 -10.78 53.43 -6.69
N LYS A 351 -9.82 52.66 -7.28
CA LYS A 351 -8.71 53.22 -8.07
C LYS A 351 -9.19 53.77 -9.42
N CYS A 352 -10.17 53.07 -10.07
CA CYS A 352 -10.72 53.49 -11.38
C CYS A 352 -11.49 54.81 -11.29
N LEU A 353 -12.18 55.05 -10.15
CA LEU A 353 -12.96 56.28 -9.94
C LEU A 353 -12.06 57.51 -9.83
N LEU A 354 -11.00 57.44 -8.97
CA LEU A 354 -10.04 58.55 -8.78
C LEU A 354 -9.27 58.86 -10.08
N ASP A 355 -8.97 57.81 -10.89
CA ASP A 355 -8.26 57.94 -12.16
C ASP A 355 -9.15 58.58 -13.25
N ARG A 356 -10.50 58.42 -13.12
CA ARG A 356 -11.46 58.95 -14.11
C ARG A 356 -12.00 60.34 -13.77
N VAL A 357 -12.22 60.63 -12.45
CA VAL A 357 -12.73 61.93 -12.01
C VAL A 357 -11.77 62.62 -10.98
N PRO A 358 -11.26 63.86 -11.29
CA PRO A 358 -10.33 64.53 -10.36
C PRO A 358 -11.04 65.17 -9.15
N GLU A 359 -10.23 65.79 -8.22
CA GLU A 359 -10.75 66.45 -7.00
C GLU A 359 -11.66 67.67 -7.32
N GLU A 360 -11.41 68.36 -8.48
CA GLU A 360 -12.22 69.51 -8.92
C GLU A 360 -13.64 69.09 -9.38
N GLU A 361 -13.79 67.82 -9.90
CA GLU A 361 -15.07 67.26 -10.37
C GLU A 361 -15.65 66.24 -9.36
N LYS A 362 -15.30 66.40 -8.06
CA LYS A 362 -15.72 65.52 -6.94
C LYS A 362 -17.24 65.44 -6.76
N ASP A 363 -17.96 66.58 -6.91
CA ASP A 363 -19.42 66.63 -6.71
C ASP A 363 -20.24 66.89 -7.99
N THR A 364 -19.60 67.44 -9.05
CA THR A 364 -20.31 67.76 -10.31
C THR A 364 -20.37 66.57 -11.32
N ASN A 365 -19.40 65.62 -11.25
CA ASN A 365 -19.35 64.47 -12.18
C ASN A 365 -19.82 63.16 -11.53
N VAL A 366 -20.89 62.55 -12.10
CA VAL A 366 -21.45 61.27 -11.64
C VAL A 366 -21.00 60.12 -12.58
N GLN A 367 -20.28 59.11 -12.03
CA GLN A 367 -19.76 57.98 -12.80
C GLN A 367 -20.77 56.83 -12.84
N VAL A 368 -21.35 56.58 -14.02
CA VAL A 368 -22.33 55.51 -14.20
C VAL A 368 -21.64 54.12 -14.19
N LEU A 369 -21.96 53.30 -13.17
CA LEU A 369 -21.41 51.97 -12.98
C LEU A 369 -22.46 50.91 -13.32
N MET A 370 -22.08 49.90 -14.13
CA MET A 370 -23.00 48.84 -14.53
C MET A 370 -22.52 47.45 -14.11
N VAL A 371 -23.10 46.91 -13.02
CA VAL A 371 -22.76 45.58 -12.52
C VAL A 371 -23.49 44.51 -13.35
N LEU A 372 -22.77 43.91 -14.32
CA LEU A 372 -23.31 42.86 -15.19
C LEU A 372 -23.12 41.52 -14.48
N GLY A 373 -24.23 40.82 -14.24
CA GLY A 373 -24.23 39.57 -13.48
C GLY A 373 -24.14 39.89 -12.00
N ALA A 374 -25.12 40.72 -11.50
CA ALA A 374 -25.17 41.24 -10.13
C ALA A 374 -25.32 40.18 -9.04
N GLY A 375 -25.95 39.04 -9.37
CA GLY A 375 -26.17 37.94 -8.42
C GLY A 375 -27.09 38.32 -7.29
N ARG A 376 -26.60 38.20 -6.04
CA ARG A 376 -27.38 38.55 -4.84
C ARG A 376 -26.95 39.91 -4.23
N GLY A 377 -26.13 40.65 -4.98
CA GLY A 377 -25.62 41.97 -4.58
C GLY A 377 -24.27 42.00 -3.87
N PRO A 378 -23.29 41.07 -4.15
CA PRO A 378 -21.99 41.17 -3.47
C PRO A 378 -21.07 42.21 -4.12
N LEU A 379 -21.11 42.32 -5.49
CA LEU A 379 -20.33 43.31 -6.26
C LEU A 379 -20.93 44.70 -6.09
N VAL A 380 -22.30 44.78 -5.99
CA VAL A 380 -23.03 46.04 -5.83
C VAL A 380 -22.60 46.72 -4.51
N ASN A 381 -22.62 45.96 -3.39
CA ASN A 381 -22.19 46.45 -2.07
C ASN A 381 -20.71 46.84 -2.08
N ALA A 382 -19.86 46.08 -2.84
CA ALA A 382 -18.43 46.36 -2.99
C ALA A 382 -18.19 47.64 -3.80
N SER A 383 -19.07 47.90 -4.82
CA SER A 383 -18.98 49.12 -5.65
C SER A 383 -19.39 50.36 -4.84
N LEU A 384 -20.39 50.20 -3.93
CA LEU A 384 -20.86 51.29 -3.06
C LEU A 384 -19.83 51.63 -2.00
N ARG A 385 -19.11 50.60 -1.45
CA ARG A 385 -18.04 50.79 -0.46
C ARG A 385 -16.83 51.47 -1.10
N ALA A 386 -16.60 51.21 -2.41
CA ALA A 386 -15.51 51.80 -3.19
C ALA A 386 -15.77 53.29 -3.45
N ALA A 387 -17.03 53.65 -3.79
CA ALA A 387 -17.45 55.03 -4.07
C ALA A 387 -17.32 55.91 -2.84
N LYS A 388 -17.62 55.35 -1.63
CA LYS A 388 -17.50 56.06 -0.35
C LYS A 388 -16.03 56.25 0.01
N GLN A 389 -15.18 55.22 -0.31
CA GLN A 389 -13.74 55.23 -0.08
C GLN A 389 -13.05 56.27 -1.00
N ALA A 390 -13.45 56.30 -2.30
CA ALA A 390 -12.91 57.25 -3.28
C ALA A 390 -13.56 58.65 -3.15
N ASP A 391 -14.72 58.73 -2.40
CA ASP A 391 -15.51 59.95 -2.16
C ASP A 391 -16.01 60.58 -3.50
N ARG A 392 -16.45 59.69 -4.46
CA ARG A 392 -16.92 60.13 -5.79
C ARG A 392 -18.39 59.69 -6.06
N ARG A 393 -19.12 60.51 -6.87
CA ARG A 393 -20.55 60.28 -7.21
C ARG A 393 -20.71 59.11 -8.21
N ILE A 394 -21.64 58.14 -7.91
CA ILE A 394 -21.90 56.97 -8.79
C ILE A 394 -23.42 56.74 -9.04
N LYS A 395 -23.75 56.26 -10.26
CA LYS A 395 -25.11 55.87 -10.66
C LYS A 395 -25.03 54.39 -11.02
N LEU A 396 -25.57 53.52 -10.14
CA LEU A 396 -25.46 52.07 -10.31
C LEU A 396 -26.65 51.41 -11.02
N TYR A 397 -26.33 50.44 -11.92
CA TYR A 397 -27.28 49.60 -12.63
C TYR A 397 -26.90 48.12 -12.33
N ALA A 398 -27.80 47.38 -11.65
CA ALA A 398 -27.55 45.98 -11.27
C ALA A 398 -28.28 45.00 -12.23
N VAL A 399 -27.57 44.53 -13.29
CA VAL A 399 -28.10 43.62 -14.31
C VAL A 399 -27.93 42.13 -13.88
N GLU A 400 -29.03 41.33 -13.93
CA GLU A 400 -29.02 39.90 -13.59
C GLU A 400 -30.10 39.14 -14.37
N LYS A 401 -29.73 38.02 -15.02
CA LYS A 401 -30.65 37.20 -15.81
C LYS A 401 -31.54 36.31 -14.93
N ASN A 402 -30.96 35.74 -13.84
CA ASN A 402 -31.69 34.85 -12.91
C ASN A 402 -32.77 35.64 -12.13
N PRO A 403 -34.10 35.34 -12.35
CA PRO A 403 -35.16 36.08 -11.62
C PRO A 403 -35.22 35.76 -10.12
N ASN A 404 -34.64 34.60 -9.71
CA ASN A 404 -34.59 34.16 -8.32
C ASN A 404 -33.60 35.06 -7.55
N ALA A 405 -32.45 35.39 -8.21
CA ALA A 405 -31.42 36.27 -7.65
C ALA A 405 -31.90 37.74 -7.67
N VAL A 406 -32.73 38.12 -8.71
CA VAL A 406 -33.32 39.48 -8.85
C VAL A 406 -34.23 39.81 -7.63
N VAL A 407 -34.91 38.77 -7.04
CA VAL A 407 -35.75 38.90 -5.84
C VAL A 407 -34.88 39.45 -4.67
N THR A 408 -33.66 38.87 -4.49
CA THR A 408 -32.69 39.27 -3.45
C THR A 408 -32.18 40.71 -3.69
N LEU A 409 -31.96 41.09 -4.98
CA LEU A 409 -31.48 42.42 -5.37
C LEU A 409 -32.55 43.49 -5.13
N GLU A 410 -33.81 43.22 -5.57
CA GLU A 410 -34.95 44.15 -5.44
C GLU A 410 -35.33 44.36 -3.97
N ASN A 411 -35.14 43.32 -3.11
CA ASN A 411 -35.40 43.42 -1.68
C ASN A 411 -34.27 44.20 -0.99
N TRP A 412 -33.00 44.03 -1.49
CA TRP A 412 -31.82 44.75 -0.97
C TRP A 412 -31.96 46.24 -1.28
N GLN A 413 -32.39 46.57 -2.53
CA GLN A 413 -32.56 47.93 -3.02
C GLN A 413 -33.61 48.71 -2.20
N PHE A 414 -34.80 48.12 -2.00
CA PHE A 414 -35.89 48.75 -1.25
C PHE A 414 -35.55 48.98 0.24
N GLU A 415 -34.82 48.02 0.87
CA GLU A 415 -34.50 48.05 2.29
C GLU A 415 -33.16 48.75 2.65
N GLU A 416 -32.23 48.93 1.66
CA GLU A 416 -30.92 49.53 1.96
C GLU A 416 -30.39 50.52 0.90
N TRP A 417 -30.24 50.07 -0.37
CA TRP A 417 -29.63 50.87 -1.45
C TRP A 417 -30.45 52.13 -1.85
N GLY A 418 -31.66 51.95 -2.39
CA GLY A 418 -32.53 53.05 -2.79
C GLY A 418 -32.47 53.37 -4.27
N SER A 419 -32.82 54.63 -4.65
CA SER A 419 -32.85 55.12 -6.04
C SER A 419 -31.45 55.11 -6.73
N GLN A 420 -30.36 55.04 -5.92
CA GLN A 420 -28.96 55.00 -6.40
C GLN A 420 -28.72 53.75 -7.28
N VAL A 421 -29.21 52.57 -6.83
CA VAL A 421 -29.06 51.30 -7.57
C VAL A 421 -30.37 50.99 -8.34
N THR A 422 -30.25 50.82 -9.68
CA THR A 422 -31.38 50.48 -10.55
C THR A 422 -31.28 48.99 -10.96
N VAL A 423 -32.06 48.11 -10.28
CA VAL A 423 -32.07 46.67 -10.54
C VAL A 423 -32.71 46.36 -11.90
N VAL A 424 -31.97 45.67 -12.79
CA VAL A 424 -32.44 45.29 -14.13
C VAL A 424 -32.54 43.77 -14.24
N SER A 425 -33.77 43.26 -14.49
CA SER A 425 -34.02 41.84 -14.65
C SER A 425 -34.04 41.47 -16.15
N SER A 426 -32.82 41.41 -16.76
CA SER A 426 -32.64 41.10 -18.19
C SER A 426 -31.23 40.52 -18.47
N ASP A 427 -31.02 39.96 -19.68
CA ASP A 427 -29.73 39.44 -20.13
C ASP A 427 -28.91 40.63 -20.63
N MET A 428 -27.63 40.74 -20.18
CA MET A 428 -26.72 41.85 -20.57
C MET A 428 -26.51 41.93 -22.12
N ARG A 429 -26.65 40.78 -22.82
CA ARG A 429 -26.49 40.66 -24.27
C ARG A 429 -27.71 41.21 -25.05
N GLU A 430 -28.91 41.23 -24.40
CA GLU A 430 -30.16 41.68 -25.04
C GLU A 430 -30.78 42.96 -24.43
N TRP A 431 -30.27 43.40 -23.24
CA TRP A 431 -30.79 44.59 -22.53
C TRP A 431 -30.51 45.91 -23.26
N VAL A 432 -31.54 46.78 -23.35
CA VAL A 432 -31.44 48.11 -23.96
C VAL A 432 -31.26 49.15 -22.82
N ALA A 433 -30.00 49.59 -22.61
CA ALA A 433 -29.63 50.55 -21.55
C ALA A 433 -30.15 51.98 -21.85
N PRO A 434 -30.58 52.75 -20.80
CA PRO A 434 -31.07 54.13 -21.05
C PRO A 434 -29.93 55.14 -21.29
N GLU A 435 -28.66 54.76 -20.94
CA GLU A 435 -27.46 55.60 -21.09
C GLU A 435 -26.18 54.73 -21.19
N LYS A 436 -25.09 55.28 -21.80
CA LYS A 436 -23.80 54.56 -21.93
C LYS A 436 -23.07 54.51 -20.57
N ALA A 437 -22.34 53.41 -20.31
CA ALA A 437 -21.63 53.18 -19.03
C ALA A 437 -20.19 53.66 -19.02
N ASP A 438 -19.72 54.13 -17.83
CA ASP A 438 -18.34 54.55 -17.60
C ASP A 438 -17.50 53.32 -17.19
N ILE A 439 -18.04 52.50 -16.23
CA ILE A 439 -17.37 51.29 -15.72
C ILE A 439 -18.37 50.11 -15.70
N ILE A 440 -17.98 48.97 -16.30
CA ILE A 440 -18.79 47.74 -16.28
C ILE A 440 -18.10 46.69 -15.41
N VAL A 441 -18.79 46.24 -14.34
CA VAL A 441 -18.23 45.27 -13.39
C VAL A 441 -18.88 43.88 -13.56
N SER A 442 -18.03 42.85 -13.78
CA SER A 442 -18.47 41.46 -13.94
C SER A 442 -17.56 40.52 -13.15
N GLU A 443 -18.09 39.37 -12.73
CA GLU A 443 -17.31 38.38 -11.97
C GLU A 443 -17.59 36.96 -12.45
N LEU A 444 -16.74 36.04 -12.01
CA LEU A 444 -16.93 34.61 -12.20
C LEU A 444 -17.14 34.09 -10.78
N LEU A 445 -18.29 33.46 -10.51
CA LEU A 445 -18.53 32.99 -9.14
C LEU A 445 -18.54 31.48 -9.04
N GLY A 446 -17.64 30.96 -8.20
CA GLY A 446 -17.49 29.53 -7.94
C GLY A 446 -17.27 28.67 -9.16
N SER A 447 -18.00 27.54 -9.21
CA SER A 447 -17.91 26.55 -10.28
C SER A 447 -19.09 26.66 -11.31
N PHE A 448 -19.69 27.89 -11.46
CA PHE A 448 -20.79 28.16 -12.38
C PHE A 448 -20.34 27.92 -13.84
N ALA A 449 -21.08 27.05 -14.58
CA ALA A 449 -20.76 26.68 -15.97
C ALA A 449 -20.78 27.87 -16.92
N ASP A 450 -21.67 28.88 -16.67
CA ASP A 450 -21.79 30.08 -17.51
C ASP A 450 -20.59 31.05 -17.38
N ASN A 451 -19.66 30.78 -16.41
CA ASN A 451 -18.43 31.59 -16.22
C ASN A 451 -17.51 31.46 -17.45
N GLU A 452 -17.59 30.30 -18.17
CA GLU A 452 -16.80 30.05 -19.39
C GLU A 452 -17.28 30.93 -20.56
N LEU A 453 -18.54 31.46 -20.48
CA LEU A 453 -19.15 32.30 -21.52
C LEU A 453 -18.79 33.79 -21.37
N SER A 454 -18.01 34.17 -20.28
CA SER A 454 -17.58 35.56 -19.99
C SER A 454 -17.14 36.38 -21.24
N PRO A 455 -16.26 35.84 -22.19
CA PRO A 455 -15.91 36.63 -23.39
C PRO A 455 -17.13 37.06 -24.20
N GLU A 456 -18.10 36.12 -24.45
CA GLU A 456 -19.33 36.38 -25.25
C GLU A 456 -20.31 37.29 -24.52
N CYS A 457 -20.43 37.15 -23.18
CA CYS A 457 -21.33 37.96 -22.37
C CYS A 457 -20.90 39.42 -22.35
N LEU A 458 -19.58 39.66 -22.17
CA LEU A 458 -19.01 41.02 -22.14
C LEU A 458 -18.98 41.68 -23.53
N ASP A 459 -18.91 40.85 -24.62
CA ASP A 459 -18.92 41.35 -26.03
C ASP A 459 -20.31 41.89 -26.39
N GLY A 460 -21.36 41.25 -25.85
CA GLY A 460 -22.74 41.64 -26.09
C GLY A 460 -23.23 42.73 -25.14
N ALA A 461 -22.33 43.21 -24.26
CA ALA A 461 -22.63 44.25 -23.28
C ALA A 461 -21.75 45.51 -23.49
N GLN A 462 -20.65 45.38 -24.29
CA GLN A 462 -19.73 46.51 -24.55
C GLN A 462 -20.31 47.59 -25.52
N HIS A 463 -21.49 47.31 -26.15
CA HIS A 463 -22.14 48.28 -27.05
C HIS A 463 -22.70 49.46 -26.26
N PHE A 464 -23.19 49.21 -25.01
CA PHE A 464 -23.69 50.26 -24.13
C PHE A 464 -22.60 50.79 -23.17
N LEU A 465 -21.32 50.65 -23.58
CA LEU A 465 -20.16 51.13 -22.84
C LEU A 465 -19.55 52.32 -23.62
N LYS A 466 -19.17 53.41 -22.89
CA LYS A 466 -18.59 54.64 -23.47
C LYS A 466 -17.30 54.32 -24.27
N ASP A 467 -16.98 55.17 -25.29
CA ASP A 467 -15.78 55.02 -26.15
C ASP A 467 -14.47 54.96 -25.33
N ASP A 468 -14.45 55.64 -24.15
CA ASP A 468 -13.30 55.64 -23.24
C ASP A 468 -13.59 54.79 -21.96
N GLY A 469 -14.72 54.04 -21.99
CA GLY A 469 -15.18 53.19 -20.89
C GLY A 469 -14.21 52.10 -20.47
N VAL A 470 -14.24 51.74 -19.16
CA VAL A 470 -13.36 50.71 -18.56
C VAL A 470 -14.17 49.47 -18.16
N SER A 471 -13.58 48.27 -18.36
CA SER A 471 -14.18 46.99 -17.97
C SER A 471 -13.42 46.39 -16.80
N ILE A 472 -14.15 46.01 -15.73
CA ILE A 472 -13.56 45.35 -14.57
C ILE A 472 -14.12 43.90 -14.46
N PRO A 473 -13.29 42.85 -14.74
CA PRO A 473 -11.85 42.89 -15.08
C PRO A 473 -11.58 43.23 -16.54
N GLY A 474 -10.38 43.75 -16.79
CA GLY A 474 -9.93 44.14 -18.13
C GLY A 474 -9.20 43.04 -18.87
N GLU A 475 -8.65 42.04 -18.13
CA GLU A 475 -7.90 40.93 -18.75
C GLU A 475 -8.09 39.60 -18.01
N TYR A 476 -8.21 38.51 -18.80
CA TYR A 476 -8.34 37.13 -18.30
C TYR A 476 -7.31 36.28 -19.02
N THR A 477 -6.49 35.54 -18.27
CA THR A 477 -5.46 34.66 -18.85
C THR A 477 -5.55 33.26 -18.25
N SER A 478 -5.90 32.26 -19.08
CA SER A 478 -6.02 30.86 -18.63
C SER A 478 -4.67 30.11 -18.76
N PHE A 479 -4.50 29.02 -17.98
CA PHE A 479 -3.27 28.22 -17.96
C PHE A 479 -3.61 26.73 -17.92
N LEU A 480 -2.72 25.90 -18.52
CA LEU A 480 -2.86 24.45 -18.52
C LEU A 480 -1.61 23.81 -17.94
N ALA A 481 -1.77 22.66 -17.26
CA ALA A 481 -0.66 21.93 -16.67
C ALA A 481 -0.91 20.42 -16.74
N PRO A 482 0.11 19.59 -17.11
CA PRO A 482 -0.12 18.13 -17.12
C PRO A 482 -0.13 17.56 -15.70
N ILE A 483 -1.13 16.71 -15.39
CA ILE A 483 -1.26 16.12 -14.04
C ILE A 483 -1.24 14.60 -14.06
N SER A 484 -0.94 14.00 -12.90
CA SER A 484 -0.95 12.56 -12.70
C SER A 484 -1.72 12.25 -11.43
N SER A 485 -2.80 11.47 -11.55
CA SER A 485 -3.62 11.04 -10.43
C SER A 485 -4.41 9.81 -10.83
N SER A 486 -3.90 8.60 -10.44
CA SER A 486 -4.56 7.32 -10.71
C SER A 486 -5.87 7.22 -9.92
N LYS A 487 -5.96 7.95 -8.77
CA LYS A 487 -7.16 8.01 -7.92
C LYS A 487 -8.27 8.80 -8.64
N LEU A 488 -7.92 9.97 -9.24
CA LEU A 488 -8.89 10.81 -9.97
C LEU A 488 -9.34 10.17 -11.26
N TYR A 489 -8.43 9.45 -11.96
CA TYR A 489 -8.75 8.74 -13.21
C TYR A 489 -9.83 7.68 -12.95
N ASN A 490 -9.72 6.92 -11.82
CA ASN A 490 -10.70 5.89 -11.45
C ASN A 490 -12.03 6.51 -10.99
N GLU A 491 -12.00 7.78 -10.47
CA GLU A 491 -13.21 8.51 -10.04
C GLU A 491 -14.01 8.98 -11.26
N VAL A 492 -13.31 9.46 -12.34
CA VAL A 492 -13.94 9.88 -13.61
C VAL A 492 -14.51 8.61 -14.28
N ARG A 493 -13.72 7.52 -14.29
CA ARG A 493 -14.10 6.22 -14.87
C ARG A 493 -15.40 5.67 -14.25
N ALA A 494 -15.63 5.94 -12.95
CA ALA A 494 -16.84 5.50 -12.21
C ALA A 494 -18.10 6.32 -12.58
N CYS A 495 -17.92 7.51 -13.23
CA CYS A 495 -19.03 8.40 -13.63
C CYS A 495 -19.76 7.95 -14.92
N ARG A 496 -19.75 6.62 -15.20
CA ARG A 496 -20.43 6.07 -16.36
C ARG A 496 -21.94 6.08 -16.14
N GLU A 497 -22.68 6.68 -17.09
CA GLU A 497 -24.13 6.79 -17.01
C GLU A 497 -24.81 6.06 -18.15
N LYS A 498 -26.00 5.50 -17.86
CA LYS A 498 -26.85 4.83 -18.85
C LYS A 498 -27.47 5.87 -19.80
N ASP A 499 -27.91 5.44 -21.01
CA ASP A 499 -28.55 6.31 -22.04
C ASP A 499 -27.62 7.45 -22.55
N ARG A 500 -26.30 7.21 -22.51
CA ARG A 500 -25.27 8.11 -23.02
C ARG A 500 -24.00 7.32 -23.35
N ASP A 501 -23.04 7.95 -24.07
CA ASP A 501 -21.78 7.31 -24.46
C ASP A 501 -21.08 6.74 -23.20
N PRO A 502 -20.60 5.46 -23.24
CA PRO A 502 -19.92 4.89 -22.05
C PRO A 502 -18.57 5.57 -21.72
N GLU A 503 -18.08 6.46 -22.62
CA GLU A 503 -16.81 7.18 -22.44
C GLU A 503 -17.02 8.72 -22.40
N ALA A 504 -18.32 9.18 -22.33
CA ALA A 504 -18.69 10.62 -22.28
C ALA A 504 -18.12 11.35 -21.07
N GLN A 505 -17.96 10.63 -19.92
CA GLN A 505 -17.42 11.18 -18.66
C GLN A 505 -15.97 11.75 -18.81
N PHE A 506 -15.16 11.18 -19.74
CA PHE A 506 -13.77 11.62 -19.98
C PHE A 506 -13.71 12.84 -20.90
N GLU A 507 -14.83 13.17 -21.57
CA GLU A 507 -14.88 14.29 -22.51
C GLU A 507 -15.60 15.54 -21.91
N MET A 508 -15.54 15.67 -20.56
CA MET A 508 -16.15 16.82 -19.87
C MET A 508 -15.28 17.33 -18.71
N PRO A 509 -15.24 18.67 -18.46
CA PRO A 509 -14.38 19.18 -17.38
C PRO A 509 -14.98 19.02 -15.98
N TYR A 510 -14.10 18.87 -14.95
CA TYR A 510 -14.51 18.68 -13.54
C TYR A 510 -13.87 19.69 -12.62
N VAL A 511 -14.56 20.04 -11.53
CA VAL A 511 -14.03 20.96 -10.53
C VAL A 511 -13.37 20.12 -9.44
N VAL A 512 -12.03 20.22 -9.32
CA VAL A 512 -11.25 19.39 -8.39
C VAL A 512 -10.34 20.24 -7.45
N ARG A 513 -9.96 19.67 -6.26
CA ARG A 513 -9.07 20.31 -5.28
C ARG A 513 -7.60 20.09 -5.70
N LEU A 514 -6.71 21.06 -5.36
CA LEU A 514 -5.26 21.00 -5.68
C LEU A 514 -4.53 19.87 -4.88
N HIS A 515 -5.09 19.49 -3.70
CA HIS A 515 -4.52 18.46 -2.80
C HIS A 515 -4.43 17.05 -3.45
N ASN A 516 -5.42 16.70 -4.31
CA ASN A 516 -5.51 15.38 -4.95
C ASN A 516 -4.37 15.07 -5.97
N PHE A 517 -4.39 15.76 -7.14
CA PHE A 517 -3.45 15.52 -8.25
C PHE A 517 -1.99 15.95 -7.97
N HIS A 518 -1.05 15.44 -8.83
CA HIS A 518 0.38 15.76 -8.80
C HIS A 518 0.77 16.40 -10.15
N GLN A 519 1.18 17.70 -10.12
CA GLN A 519 1.58 18.46 -11.32
C GLN A 519 2.90 17.93 -11.91
N LEU A 520 2.94 17.73 -13.25
CA LEU A 520 4.11 17.16 -13.95
C LEU A 520 5.05 18.19 -14.56
N SER A 521 4.53 19.37 -14.89
CA SER A 521 5.30 20.46 -15.46
C SER A 521 4.68 21.78 -15.05
N ALA A 522 5.46 22.88 -15.12
CA ALA A 522 4.99 24.21 -14.78
C ALA A 522 3.84 24.66 -15.73
N PRO A 523 2.74 25.30 -15.20
CA PRO A 523 1.64 25.73 -16.08
C PRO A 523 2.08 26.75 -17.13
N GLN A 524 1.48 26.68 -18.33
CA GLN A 524 1.80 27.58 -19.44
C GLN A 524 0.52 28.31 -19.94
N PRO A 525 0.64 29.59 -20.43
CA PRO A 525 -0.57 30.31 -20.90
C PRO A 525 -1.31 29.58 -22.01
N CYS A 526 -2.65 29.43 -21.85
CA CYS A 526 -3.52 28.74 -22.79
C CYS A 526 -4.19 29.73 -23.76
N PHE A 527 -4.94 30.72 -23.20
CA PHE A 527 -5.61 31.77 -23.98
C PHE A 527 -5.86 33.01 -23.15
N THR A 528 -5.85 34.19 -23.81
CA THR A 528 -6.09 35.47 -23.13
C THR A 528 -7.28 36.19 -23.74
N PHE A 529 -8.08 36.84 -22.88
CA PHE A 529 -9.23 37.64 -23.30
C PHE A 529 -9.11 39.03 -22.71
N SER A 530 -9.14 40.06 -23.58
CA SER A 530 -9.05 41.47 -23.18
C SER A 530 -10.41 42.15 -23.32
N HIS A 531 -10.82 42.89 -22.28
CA HIS A 531 -12.11 43.59 -22.28
C HIS A 531 -11.93 45.10 -21.96
N PRO A 532 -12.47 46.02 -22.82
CA PRO A 532 -13.28 45.77 -24.04
C PRO A 532 -12.46 45.28 -25.24
N ASN A 533 -13.07 44.39 -26.07
CA ASN A 533 -12.43 43.85 -27.28
C ASN A 533 -12.47 44.90 -28.38
N ARG A 534 -11.28 45.36 -28.83
CA ARG A 534 -11.13 46.43 -29.84
C ARG A 534 -11.17 45.93 -31.29
N ASP A 535 -10.88 44.61 -31.52
CA ASP A 535 -10.85 44.00 -32.86
C ASP A 535 -12.14 44.24 -33.68
N PRO A 536 -12.03 44.63 -35.00
CA PRO A 536 -13.26 44.85 -35.80
C PRO A 536 -13.99 43.52 -36.09
N MET A 537 -13.20 42.40 -36.20
CA MET A 537 -13.72 41.07 -36.42
C MET A 537 -13.38 40.20 -35.18
N ILE A 538 -14.19 40.33 -34.10
CA ILE A 538 -13.98 39.60 -32.84
C ILE A 538 -14.29 38.11 -33.00
N ASP A 539 -13.29 37.25 -32.72
CA ASP A 539 -13.45 35.80 -32.75
C ASP A 539 -12.95 35.24 -31.42
N ASN A 540 -13.90 34.77 -30.57
CA ASN A 540 -13.58 34.21 -29.25
C ASN A 540 -13.03 32.76 -29.33
N ASN A 541 -12.97 32.18 -30.56
CA ASN A 541 -12.42 30.83 -30.78
C ASN A 541 -10.92 30.83 -30.57
N ARG A 542 -10.40 29.76 -29.94
CA ARG A 542 -8.97 29.64 -29.64
C ARG A 542 -8.39 28.28 -30.00
N TYR A 543 -7.06 28.23 -30.20
CA TYR A 543 -6.28 27.02 -30.48
C TYR A 543 -4.84 27.26 -30.11
N CYS A 544 -4.33 26.45 -29.16
CA CYS A 544 -2.95 26.54 -28.72
C CYS A 544 -2.30 25.18 -28.65
N THR A 545 -0.99 25.15 -28.88
CA THR A 545 -0.17 23.94 -28.79
C THR A 545 0.83 24.18 -27.67
N LEU A 546 0.70 23.42 -26.56
CA LEU A 546 1.59 23.58 -25.42
C LEU A 546 2.51 22.38 -25.22
N GLU A 547 3.84 22.63 -25.18
CA GLU A 547 4.86 21.59 -24.97
C GLU A 547 5.37 21.69 -23.54
N PHE A 548 5.16 20.61 -22.75
CA PHE A 548 5.54 20.57 -21.33
C PHE A 548 6.74 19.62 -21.09
N PRO A 549 7.90 20.15 -20.59
CA PRO A 549 9.03 19.25 -20.30
C PRO A 549 8.82 18.48 -18.99
N VAL A 550 8.89 17.14 -19.05
CA VAL A 550 8.69 16.27 -17.89
C VAL A 550 10.00 15.58 -17.53
N GLU A 551 10.47 15.81 -16.29
CA GLU A 551 11.76 15.28 -15.82
C GLU A 551 11.62 14.07 -14.87
N VAL A 552 10.41 13.45 -14.82
CA VAL A 552 10.17 12.26 -13.97
C VAL A 552 9.43 11.15 -14.73
N ASN A 553 9.58 9.88 -14.27
CA ASN A 553 8.84 8.75 -14.83
C ASN A 553 7.45 8.81 -14.21
N THR A 554 6.41 8.97 -15.05
CA THR A 554 5.03 9.16 -14.57
C THR A 554 3.97 8.57 -15.56
N VAL A 555 2.68 8.72 -15.20
CA VAL A 555 1.53 8.31 -16.01
C VAL A 555 0.56 9.51 -16.07
N LEU A 556 0.39 10.10 -17.28
CA LEU A 556 -0.50 11.24 -17.52
C LEU A 556 -1.97 10.79 -17.48
N HIS A 557 -2.80 11.48 -16.66
CA HIS A 557 -4.24 11.15 -16.51
C HIS A 557 -5.16 12.27 -17.00
N GLY A 558 -4.60 13.46 -17.18
CA GLY A 558 -5.36 14.63 -17.63
C GLY A 558 -4.60 15.94 -17.49
N PHE A 559 -5.34 17.07 -17.56
CA PHE A 559 -4.75 18.41 -17.47
C PHE A 559 -5.52 19.31 -16.53
N ALA A 560 -4.80 20.05 -15.66
CA ALA A 560 -5.42 21.00 -14.73
C ALA A 560 -5.39 22.40 -15.33
N GLY A 561 -6.49 23.12 -15.16
CA GLY A 561 -6.64 24.47 -15.66
C GLY A 561 -6.75 25.49 -14.55
N TYR A 562 -5.98 26.57 -14.67
CA TYR A 562 -5.95 27.68 -13.72
C TYR A 562 -6.16 28.97 -14.49
N PHE A 563 -6.42 30.09 -13.78
CA PHE A 563 -6.57 31.37 -14.46
C PHE A 563 -6.08 32.54 -13.63
N GLU A 564 -5.65 33.60 -14.32
CA GLU A 564 -5.19 34.87 -13.76
C GLU A 564 -6.10 35.97 -14.29
N THR A 565 -6.47 36.92 -13.44
CA THR A 565 -7.31 38.02 -13.88
C THR A 565 -6.79 39.37 -13.41
N VAL A 566 -6.87 40.37 -14.31
CA VAL A 566 -6.45 41.72 -14.02
C VAL A 566 -7.71 42.57 -13.89
N LEU A 567 -8.12 42.88 -12.64
CA LEU A 567 -9.30 43.68 -12.37
C LEU A 567 -9.05 45.12 -12.82
N TYR A 568 -8.00 45.76 -12.23
CA TYR A 568 -7.58 47.12 -12.59
C TYR A 568 -6.12 47.33 -12.22
N GLN A 569 -5.27 47.60 -13.26
CA GLN A 569 -3.82 47.86 -13.14
C GLN A 569 -3.06 46.75 -12.33
N ASP A 570 -2.58 47.06 -11.08
CA ASP A 570 -1.83 46.10 -10.24
C ASP A 570 -2.73 45.20 -9.38
N ILE A 571 -4.04 45.57 -9.23
CA ILE A 571 -5.01 44.78 -8.46
C ILE A 571 -5.40 43.54 -9.26
N THR A 572 -4.98 42.35 -8.79
CA THR A 572 -5.21 41.08 -9.48
C THR A 572 -5.74 39.97 -8.56
N LEU A 573 -6.27 38.90 -9.18
CA LEU A 573 -6.73 37.68 -8.53
C LEU A 573 -6.21 36.51 -9.35
N SER A 574 -5.68 35.47 -8.69
CA SER A 574 -5.12 34.32 -9.38
C SER A 574 -5.31 33.01 -8.65
N ILE A 575 -5.60 31.92 -9.41
CA ILE A 575 -5.72 30.57 -8.85
C ILE A 575 -4.57 29.67 -9.36
N ARG A 576 -3.63 30.28 -10.11
CA ARG A 576 -2.41 29.63 -10.61
C ARG A 576 -1.52 29.32 -9.38
N PRO A 577 -1.00 28.07 -9.22
CA PRO A 577 -0.22 27.74 -8.00
C PRO A 577 0.92 28.72 -7.66
N GLU A 578 1.57 29.30 -8.70
CA GLU A 578 2.70 30.25 -8.53
C GLU A 578 2.25 31.62 -7.99
N THR A 579 1.28 32.27 -8.66
CA THR A 579 0.80 33.62 -8.31
C THR A 579 -0.52 33.62 -7.47
N HIS A 580 -0.88 32.46 -6.84
CA HIS A 580 -2.12 32.29 -6.06
C HIS A 580 -2.35 33.38 -5.01
N SER A 581 -3.58 33.95 -5.00
CA SER A 581 -3.98 34.98 -4.05
C SER A 581 -4.29 34.30 -2.69
N PRO A 582 -3.57 34.68 -1.58
CA PRO A 582 -3.81 34.00 -0.29
C PRO A 582 -5.16 34.38 0.35
N GLY A 583 -5.90 33.36 0.79
CA GLY A 583 -7.22 33.52 1.42
C GLY A 583 -8.39 33.14 0.54
N MET A 584 -8.14 32.92 -0.79
CA MET A 584 -9.17 32.54 -1.77
C MET A 584 -9.67 31.10 -1.52
N PHE A 585 -11.01 30.88 -1.63
CA PHE A 585 -11.64 29.57 -1.38
C PHE A 585 -12.75 29.23 -2.42
N SER A 586 -13.32 30.26 -3.09
CA SER A 586 -14.41 30.09 -4.06
C SER A 586 -13.98 29.50 -5.40
N TRP A 587 -12.75 29.83 -5.87
CA TRP A 587 -12.26 29.34 -7.16
C TRP A 587 -11.36 28.10 -7.06
N PHE A 588 -11.84 26.95 -7.59
CA PHE A 588 -11.09 25.69 -7.60
C PHE A 588 -10.62 25.39 -9.04
N PRO A 589 -9.43 24.71 -9.23
CA PRO A 589 -8.98 24.40 -10.60
C PRO A 589 -9.90 23.43 -11.37
N ILE A 590 -9.89 23.55 -12.71
CA ILE A 590 -10.69 22.71 -13.60
C ILE A 590 -9.84 21.50 -14.12
N LEU A 591 -10.45 20.33 -14.31
CA LEU A 591 -9.73 19.14 -14.77
C LEU A 591 -10.27 18.62 -16.11
N PHE A 592 -9.38 18.51 -17.11
CA PHE A 592 -9.70 17.97 -18.43
C PHE A 592 -9.08 16.57 -18.50
N PRO A 593 -9.87 15.48 -18.26
CA PRO A 593 -9.27 14.14 -18.26
C PRO A 593 -9.09 13.56 -19.66
N ILE A 594 -8.36 12.44 -19.76
CA ILE A 594 -8.13 11.72 -21.01
C ILE A 594 -8.62 10.27 -20.89
N LYS A 595 -9.29 9.75 -21.95
CA LYS A 595 -9.88 8.39 -22.01
C LYS A 595 -8.88 7.30 -21.59
N GLN A 596 -7.69 7.31 -22.20
CA GLN A 596 -6.64 6.33 -21.90
C GLN A 596 -5.42 7.01 -21.30
N PRO A 597 -4.94 6.58 -20.09
CA PRO A 597 -3.75 7.23 -19.49
C PRO A 597 -2.48 6.98 -20.31
N ILE A 598 -1.58 7.98 -20.38
CA ILE A 598 -0.35 7.92 -21.19
C ILE A 598 0.91 7.83 -20.33
N THR A 599 1.75 6.77 -20.57
CA THR A 599 3.02 6.58 -19.86
C THR A 599 4.03 7.64 -20.33
N VAL A 600 4.61 8.41 -19.39
CA VAL A 600 5.59 9.45 -19.68
C VAL A 600 6.93 9.13 -18.99
N ARG A 601 8.04 9.14 -19.75
CA ARG A 601 9.39 8.84 -19.23
C ARG A 601 10.17 10.12 -18.92
N GLU A 602 11.31 9.99 -18.17
CA GLU A 602 12.19 11.11 -17.80
C GLU A 602 12.82 11.70 -19.08
N GLY A 603 12.71 13.02 -19.22
CA GLY A 603 13.25 13.75 -20.37
C GLY A 603 12.26 13.95 -21.50
N GLN A 604 11.13 13.18 -21.48
CA GLN A 604 10.08 13.26 -22.52
C GLN A 604 9.25 14.54 -22.40
N THR A 605 8.62 14.95 -23.51
CA THR A 605 7.79 16.14 -23.54
C THR A 605 6.33 15.79 -23.78
N ILE A 606 5.41 16.40 -23.00
CA ILE A 606 3.98 16.22 -23.18
C ILE A 606 3.48 17.36 -24.08
N CYS A 607 2.94 17.03 -25.27
CA CYS A 607 2.38 18.03 -26.17
C CYS A 607 0.86 17.98 -26.13
N VAL A 608 0.22 19.08 -25.67
CA VAL A 608 -1.24 19.17 -25.61
C VAL A 608 -1.78 20.17 -26.64
N ARG A 609 -2.91 19.83 -27.23
CA ARG A 609 -3.61 20.66 -28.20
C ARG A 609 -4.94 21.00 -27.57
N PHE A 610 -5.22 22.29 -27.42
CA PHE A 610 -6.46 22.74 -26.79
C PHE A 610 -7.20 23.71 -27.65
N TRP A 611 -8.52 23.50 -27.81
CA TRP A 611 -9.38 24.39 -28.56
C TRP A 611 -10.51 24.91 -27.71
N ARG A 612 -10.80 26.19 -27.84
CA ARG A 612 -11.97 26.80 -27.23
C ARG A 612 -12.90 27.09 -28.40
N CYS A 613 -13.96 26.29 -28.55
CA CYS A 613 -14.87 26.39 -29.69
C CYS A 613 -16.15 27.11 -29.30
N SER A 614 -16.70 27.91 -30.25
CA SER A 614 -17.93 28.67 -30.02
C SER A 614 -18.76 28.86 -31.28
N ASN A 615 -20.04 28.42 -31.22
CA ASN A 615 -21.04 28.58 -32.28
C ASN A 615 -21.80 29.92 -32.03
N SER A 616 -23.00 30.06 -32.61
CA SER A 616 -23.86 31.23 -32.39
C SER A 616 -24.88 30.88 -31.25
N LYS A 617 -24.78 29.63 -30.71
CA LYS A 617 -25.67 29.11 -29.66
C LYS A 617 -24.92 28.49 -28.47
N LYS A 618 -23.80 27.78 -28.74
CA LYS A 618 -23.05 27.06 -27.69
C LYS A 618 -21.53 27.32 -27.69
N VAL A 619 -20.89 27.15 -26.51
CA VAL A 619 -19.44 27.26 -26.34
C VAL A 619 -18.95 25.94 -25.70
N TRP A 620 -17.91 25.31 -26.29
CA TRP A 620 -17.37 24.06 -25.76
C TRP A 620 -15.84 23.98 -25.86
N TYR A 621 -15.25 23.06 -25.08
CA TYR A 621 -13.82 22.83 -25.07
C TYR A 621 -13.47 21.51 -25.75
N GLU A 622 -12.35 21.49 -26.47
CA GLU A 622 -11.81 20.30 -27.14
C GLU A 622 -10.34 20.19 -26.82
N TRP A 623 -9.84 18.96 -26.59
CA TRP A 623 -8.42 18.75 -26.26
C TRP A 623 -7.91 17.41 -26.75
N ALA A 624 -6.57 17.33 -27.03
CA ALA A 624 -5.92 16.11 -27.52
C ALA A 624 -4.43 16.11 -27.16
N VAL A 625 -3.85 14.91 -27.01
CA VAL A 625 -2.41 14.73 -26.72
C VAL A 625 -1.73 14.22 -28.00
N THR A 626 -0.59 14.83 -28.38
CA THR A 626 0.16 14.46 -29.60
C THR A 626 1.57 13.89 -29.28
N ALA A 627 2.06 14.09 -28.01
CA ALA A 627 3.36 13.57 -27.55
C ALA A 627 3.33 13.29 -26.03
N PRO A 628 4.02 12.19 -25.50
CA PRO A 628 4.86 11.19 -26.21
C PRO A 628 4.07 10.30 -27.17
N VAL A 629 2.81 9.95 -26.81
CA VAL A 629 1.95 9.16 -27.66
C VAL A 629 0.67 9.96 -28.03
N CYS A 630 -0.04 9.54 -29.11
CA CYS A 630 -1.23 10.21 -29.58
C CYS A 630 -2.50 9.74 -28.90
N SER A 631 -3.42 10.67 -28.63
CA SER A 631 -4.71 10.38 -28.03
C SER A 631 -5.80 10.87 -28.99
N ALA A 632 -7.03 10.36 -28.84
CA ALA A 632 -8.15 10.79 -29.66
C ALA A 632 -8.58 12.18 -29.23
N ILE A 633 -9.12 12.99 -30.18
CA ILE A 633 -9.64 14.32 -29.88
C ILE A 633 -10.85 14.16 -28.94
N HIS A 634 -10.79 14.81 -27.76
CA HIS A 634 -11.84 14.73 -26.75
C HIS A 634 -12.93 15.76 -26.97
N ASN A 635 -14.21 15.33 -26.79
CA ASN A 635 -15.42 16.16 -26.93
C ASN A 635 -15.59 16.84 -28.37
N PRO A 636 -15.45 16.07 -29.53
CA PRO A 636 -15.68 16.69 -30.86
C PRO A 636 -17.13 17.15 -31.03
N THR A 637 -17.33 18.41 -31.51
CA THR A 637 -18.66 19.10 -31.68
C THR A 637 -19.40 19.32 -30.33
N GLY A 638 -18.70 19.03 -29.22
CA GLY A 638 -19.26 19.15 -27.87
C GLY A 638 -20.32 18.10 -27.58
N ARG A 639 -20.13 16.88 -28.14
CA ARG A 639 -21.05 15.74 -27.98
C ARG A 639 -21.30 15.36 -26.50
N SER A 640 -20.28 15.52 -25.63
CA SER A 640 -20.36 15.19 -24.21
C SER A 640 -20.61 16.40 -23.34
N TYR A 641 -20.01 17.57 -23.68
CA TYR A 641 -20.18 18.78 -22.89
C TYR A 641 -20.18 20.05 -23.71
N THR A 642 -21.17 20.93 -23.45
CA THR A 642 -21.33 22.27 -24.06
C THR A 642 -21.97 23.20 -23.06
N ILE A 643 -21.66 24.50 -23.15
CA ILE A 643 -22.30 25.51 -22.31
C ILE A 643 -23.15 26.39 -23.20
N GLY A 644 -24.47 26.35 -22.99
CA GLY A 644 -25.44 27.12 -23.78
C GLY A 644 -25.36 28.60 -23.49
N LEU A 645 -25.30 29.43 -24.56
CA LEU A 645 -25.22 30.90 -24.44
C LEU A 645 -26.57 31.51 -24.03
N LEU B 27 -0.14 -40.23 33.72
CA LEU B 27 0.27 -38.95 33.15
C LEU B 27 1.05 -38.06 34.18
N PRO B 28 2.15 -37.36 33.74
CA PRO B 28 2.92 -36.52 34.69
C PRO B 28 2.25 -35.15 34.98
N PRO B 29 2.62 -34.43 36.11
CA PRO B 29 1.99 -33.12 36.39
C PRO B 29 2.45 -32.01 35.42
N ASN B 30 1.65 -30.89 35.35
CA ASN B 30 1.89 -29.71 34.47
C ASN B 30 1.81 -30.04 32.94
N ALA B 31 1.75 -31.35 32.58
CA ALA B 31 1.65 -31.82 31.20
C ALA B 31 0.24 -31.58 30.63
N PRO B 32 0.12 -31.18 29.32
CA PRO B 32 -1.24 -30.95 28.74
C PRO B 32 -2.09 -32.21 28.69
N ALA B 33 -3.43 -32.06 28.84
CA ALA B 33 -4.39 -33.17 28.83
C ALA B 33 -4.39 -33.92 27.49
N CYS B 34 -4.40 -33.17 26.37
CA CYS B 34 -4.39 -33.75 25.02
C CYS B 34 -3.30 -33.14 24.14
N MET B 35 -2.60 -34.00 23.36
CA MET B 35 -1.54 -33.58 22.44
C MET B 35 -2.16 -32.99 21.19
N GLU B 36 -1.52 -31.94 20.63
CA GLU B 36 -2.00 -31.27 19.42
C GLU B 36 -1.85 -32.18 18.19
N ARG B 37 -2.89 -32.19 17.32
CA ARG B 37 -3.02 -33.04 16.12
C ARG B 37 -1.77 -33.04 15.19
N GLN B 38 -1.29 -31.84 14.78
CA GLN B 38 -0.16 -31.73 13.84
C GLN B 38 1.21 -31.86 14.52
N LEU B 39 1.91 -33.00 14.29
CA LEU B 39 3.26 -33.24 14.87
C LEU B 39 4.33 -32.66 13.95
N GLU B 40 5.11 -31.69 14.46
CA GLU B 40 6.13 -30.97 13.70
C GLU B 40 7.52 -31.57 13.80
N ALA B 41 7.95 -31.97 15.04
CA ALA B 41 9.31 -32.49 15.25
C ALA B 41 9.39 -33.80 16.06
N ALA B 42 10.41 -34.64 15.71
CA ALA B 42 10.73 -35.92 16.37
C ALA B 42 12.26 -36.02 16.48
N ARG B 43 12.80 -36.00 17.74
CA ARG B 43 14.26 -36.04 17.95
C ARG B 43 14.67 -37.10 18.97
N TYR B 44 15.73 -37.88 18.65
CA TYR B 44 16.25 -38.92 19.55
C TYR B 44 17.43 -38.42 20.35
N ARG B 45 17.36 -38.58 21.69
CA ARG B 45 18.45 -38.20 22.61
C ARG B 45 19.49 -39.34 22.61
N SER B 46 20.76 -39.03 23.06
CA SER B 46 21.88 -40.00 23.11
C SER B 46 21.50 -41.35 23.79
N ASP B 47 20.71 -41.29 24.91
CA ASP B 47 20.27 -42.49 25.65
C ASP B 47 19.07 -43.24 24.98
N GLY B 48 18.42 -42.59 24.00
CA GLY B 48 17.31 -43.18 23.25
C GLY B 48 15.94 -42.59 23.56
N ALA B 49 15.89 -41.48 24.32
CA ALA B 49 14.63 -40.79 24.67
C ALA B 49 14.09 -40.01 23.46
N LEU B 50 12.78 -40.13 23.18
CA LEU B 50 12.15 -39.44 22.05
C LEU B 50 11.54 -38.10 22.47
N LEU B 51 11.84 -37.04 21.69
CA LEU B 51 11.32 -35.69 21.91
C LEU B 51 10.27 -35.39 20.84
N LEU B 52 9.11 -34.84 21.25
CA LEU B 52 8.05 -34.54 20.30
C LEU B 52 7.62 -33.09 20.34
N GLY B 53 7.33 -32.55 19.16
CA GLY B 53 6.85 -31.20 18.97
C GLY B 53 5.50 -31.21 18.31
N ALA B 54 4.47 -30.67 19.01
CA ALA B 54 3.10 -30.66 18.50
C ALA B 54 2.57 -29.24 18.32
N SER B 55 1.78 -29.02 17.25
CA SER B 55 1.18 -27.72 16.95
C SER B 55 -0.27 -27.87 16.54
N SER B 56 -1.13 -26.94 16.99
CA SER B 56 -2.53 -26.92 16.61
C SER B 56 -2.70 -25.89 15.49
N LEU B 57 -2.60 -26.37 14.23
CA LEU B 57 -2.70 -25.50 13.04
C LEU B 57 -4.16 -25.28 12.58
N SER B 58 -5.15 -25.70 13.41
CA SER B 58 -6.59 -25.53 13.16
C SER B 58 -7.39 -25.63 14.48
N GLY B 59 -8.64 -25.16 14.44
CA GLY B 59 -9.51 -25.15 15.60
C GLY B 59 -9.38 -23.89 16.43
N ARG B 60 -10.07 -23.85 17.59
CA ARG B 60 -10.12 -22.71 18.52
C ARG B 60 -8.73 -22.13 18.89
N CYS B 61 -7.83 -23.01 19.42
CA CYS B 61 -6.49 -22.58 19.87
C CYS B 61 -5.40 -22.90 18.85
N TRP B 62 -4.51 -21.92 18.59
CA TRP B 62 -3.37 -22.08 17.68
C TRP B 62 -2.04 -22.00 18.46
N ALA B 63 -1.86 -22.91 19.44
CA ALA B 63 -0.66 -22.98 20.30
C ALA B 63 0.12 -24.29 20.08
N GLY B 64 1.24 -24.45 20.81
CA GLY B 64 2.11 -25.62 20.71
C GLY B 64 2.39 -26.29 22.04
N SER B 65 3.03 -27.49 21.99
CA SER B 65 3.37 -28.27 23.20
C SER B 65 4.65 -29.12 23.02
N LEU B 66 5.45 -29.25 24.13
CA LEU B 66 6.69 -30.05 24.13
C LEU B 66 6.49 -31.35 24.89
N TRP B 67 6.99 -32.47 24.33
CA TRP B 67 6.81 -33.80 24.93
C TRP B 67 8.09 -34.61 24.98
N LEU B 68 8.25 -35.41 26.07
CA LEU B 68 9.39 -36.31 26.27
C LEU B 68 8.87 -37.72 26.52
N PHE B 69 9.45 -38.72 25.82
CA PHE B 69 9.06 -40.12 25.93
C PHE B 69 10.27 -41.01 26.15
N LYS B 70 10.41 -41.59 27.38
CA LYS B 70 11.51 -42.52 27.69
C LYS B 70 11.30 -43.85 26.97
N ASP B 71 10.02 -44.19 26.69
CA ASP B 71 9.63 -45.37 25.93
C ASP B 71 9.26 -44.90 24.49
N PRO B 72 10.03 -45.32 23.43
CA PRO B 72 9.74 -44.84 22.06
C PRO B 72 8.40 -45.34 21.49
N CYS B 73 7.98 -46.57 21.86
CA CYS B 73 6.73 -47.18 21.38
C CYS B 73 5.48 -46.60 22.09
N ALA B 74 5.68 -45.88 23.24
CA ALA B 74 4.58 -45.25 24.01
C ALA B 74 3.92 -44.10 23.24
N ALA B 75 4.72 -43.38 22.38
CA ALA B 75 4.23 -42.27 21.54
C ALA B 75 3.20 -42.79 20.50
N PRO B 76 2.10 -42.04 20.18
CA PRO B 76 1.77 -40.67 20.64
C PRO B 76 0.85 -40.57 21.89
N ASN B 77 0.75 -41.67 22.70
CA ASN B 77 -0.12 -41.69 23.91
C ASN B 77 0.35 -40.71 25.02
N GLU B 78 -0.49 -39.70 25.32
CA GLU B 78 -0.23 -38.63 26.31
C GLU B 78 -0.11 -39.13 27.76
N GLY B 79 -0.93 -40.14 28.11
CA GLY B 79 -0.98 -40.71 29.45
C GLY B 79 0.26 -41.47 29.89
N PHE B 80 1.14 -41.85 28.92
CA PHE B 80 2.36 -42.60 29.22
C PHE B 80 3.64 -41.89 28.69
N CYS B 81 3.82 -40.62 29.10
CA CYS B 81 5.01 -39.83 28.74
C CYS B 81 5.80 -39.44 29.99
N SER B 82 7.12 -39.20 29.83
CA SER B 82 8.02 -38.83 30.93
C SER B 82 7.77 -37.39 31.39
N ALA B 83 7.72 -36.43 30.43
CA ALA B 83 7.51 -35.01 30.73
C ALA B 83 6.73 -34.32 29.60
N GLY B 84 5.92 -33.33 29.97
CA GLY B 84 5.11 -32.56 29.04
C GLY B 84 4.86 -31.14 29.50
N VAL B 85 4.70 -30.21 28.52
CA VAL B 85 4.44 -28.79 28.78
C VAL B 85 3.74 -28.12 27.56
N GLN B 86 2.97 -27.04 27.80
CA GLN B 86 2.28 -26.31 26.74
C GLN B 86 2.97 -24.96 26.52
N THR B 87 3.50 -24.73 25.30
CA THR B 87 4.17 -23.47 24.94
C THR B 87 3.13 -22.39 24.60
N GLU B 88 3.52 -21.09 24.70
CA GLU B 88 2.66 -19.93 24.43
C GLU B 88 2.02 -20.00 23.01
N ALA B 89 2.85 -20.32 21.99
CA ALA B 89 2.41 -20.42 20.60
C ALA B 89 2.88 -21.75 19.97
N GLY B 90 2.48 -21.98 18.70
CA GLY B 90 2.82 -23.18 17.94
C GLY B 90 4.30 -23.37 17.69
N VAL B 91 4.75 -24.64 17.64
CA VAL B 91 6.15 -25.00 17.38
C VAL B 91 6.37 -25.22 15.86
N ALA B 92 7.42 -24.59 15.29
CA ALA B 92 7.72 -24.72 13.86
C ALA B 92 8.91 -25.64 13.64
N ASP B 93 9.93 -25.56 14.53
CA ASP B 93 11.14 -26.39 14.47
C ASP B 93 11.75 -26.60 15.86
N LEU B 94 12.39 -27.77 16.09
CA LEU B 94 13.04 -28.12 17.35
C LEU B 94 14.47 -28.58 17.15
N THR B 95 15.26 -28.66 18.26
CA THR B 95 16.66 -29.15 18.29
C THR B 95 17.14 -29.33 19.74
N TRP B 96 17.82 -30.48 20.02
CA TRP B 96 18.35 -30.81 21.34
C TRP B 96 19.56 -29.93 21.68
N VAL B 97 19.60 -29.39 22.91
CA VAL B 97 20.73 -28.59 23.42
C VAL B 97 21.42 -29.42 24.52
N GLY B 98 22.09 -30.49 24.09
CA GLY B 98 22.75 -31.43 24.98
C GLY B 98 21.86 -32.61 25.30
N GLU B 99 21.49 -32.76 26.59
CA GLU B 99 20.63 -33.88 27.05
C GLU B 99 19.41 -33.36 27.85
N ARG B 100 19.44 -32.08 28.30
CA ARG B 100 18.33 -31.49 29.08
C ARG B 100 17.69 -30.27 28.38
N GLY B 101 18.46 -29.59 27.51
CA GLY B 101 18.00 -28.40 26.79
C GLY B 101 17.20 -28.70 25.53
N ILE B 102 16.13 -27.90 25.30
CA ILE B 102 15.26 -28.02 24.10
C ILE B 102 15.07 -26.61 23.49
N LEU B 103 15.55 -26.41 22.24
CA LEU B 103 15.43 -25.12 21.56
C LEU B 103 14.21 -25.08 20.64
N VAL B 104 13.30 -24.11 20.89
CA VAL B 104 12.02 -23.98 20.19
C VAL B 104 11.97 -22.79 19.22
N ALA B 105 11.51 -23.05 17.97
CA ALA B 105 11.28 -22.02 16.96
C ALA B 105 9.75 -21.77 16.96
N SER B 106 9.32 -20.65 17.60
CA SER B 106 7.90 -20.31 17.79
C SER B 106 7.30 -19.38 16.72
N ASP B 107 5.94 -19.43 16.56
CA ASP B 107 5.18 -18.59 15.61
C ASP B 107 5.17 -17.13 16.05
N SER B 108 5.26 -16.88 17.39
CA SER B 108 5.26 -15.53 17.99
C SER B 108 6.48 -14.69 17.57
N GLY B 109 7.49 -15.35 16.97
CA GLY B 109 8.73 -14.71 16.54
C GLY B 109 9.81 -14.77 17.60
N ALA B 110 9.66 -15.74 18.53
CA ALA B 110 10.59 -15.90 19.63
C ALA B 110 11.31 -17.23 19.58
N VAL B 111 12.57 -17.22 20.03
CA VAL B 111 13.38 -18.43 20.17
C VAL B 111 13.34 -18.79 21.65
N GLU B 112 12.79 -19.98 21.98
CA GLU B 112 12.62 -20.43 23.36
C GLU B 112 13.60 -21.52 23.77
N LEU B 113 14.03 -21.52 25.04
CA LEU B 113 14.92 -22.55 25.59
C LEU B 113 14.27 -23.17 26.81
N TRP B 114 13.91 -24.43 26.70
CA TRP B 114 13.25 -25.17 27.76
C TRP B 114 14.16 -26.27 28.31
N GLU B 115 14.45 -26.24 29.64
CA GLU B 115 15.32 -27.22 30.31
C GLU B 115 14.54 -28.28 31.06
N LEU B 116 15.12 -29.51 31.18
CA LEU B 116 14.50 -30.64 31.89
C LEU B 116 14.74 -30.59 33.40
N ASP B 117 13.88 -31.31 34.18
CA ASP B 117 13.94 -31.40 35.64
C ASP B 117 15.13 -32.29 36.09
N GLU B 118 15.48 -32.25 37.42
CA GLU B 118 16.56 -33.07 38.03
C GLU B 118 16.25 -34.56 37.86
N ASN B 119 14.94 -34.94 37.96
CA ASN B 119 14.45 -36.30 37.77
C ASN B 119 13.86 -36.46 36.33
N GLU B 120 13.91 -35.35 35.52
CA GLU B 120 13.41 -35.26 34.12
C GLU B 120 11.90 -35.59 34.03
N THR B 121 11.09 -34.94 34.92
CA THR B 121 9.63 -35.12 34.97
C THR B 121 8.88 -33.85 34.52
N LEU B 122 9.57 -32.69 34.54
CA LEU B 122 8.99 -31.39 34.15
C LEU B 122 9.86 -30.68 33.11
N ILE B 123 9.22 -29.85 32.24
CA ILE B 123 9.91 -29.05 31.23
C ILE B 123 9.71 -27.55 31.56
N VAL B 124 10.73 -26.93 32.19
CA VAL B 124 10.68 -25.52 32.63
C VAL B 124 11.34 -24.56 31.59
N SER B 125 10.71 -23.37 31.38
CA SER B 125 11.21 -22.36 30.45
C SER B 125 12.33 -21.53 31.07
N LYS B 126 13.49 -21.43 30.37
CA LYS B 126 14.63 -20.64 30.83
C LYS B 126 14.54 -19.21 30.26
N PHE B 127 14.30 -19.08 28.92
CA PHE B 127 14.13 -17.78 28.27
C PHE B 127 13.17 -17.82 27.07
N CYS B 128 12.46 -16.70 26.85
CA CYS B 128 11.51 -16.54 25.74
C CYS B 128 11.74 -15.13 25.16
N LYS B 129 12.80 -14.98 24.33
CA LYS B 129 13.19 -13.69 23.74
C LYS B 129 12.55 -13.46 22.36
N TYR B 130 11.71 -12.40 22.26
CA TYR B 130 11.02 -12.02 21.02
C TYR B 130 11.92 -11.06 20.21
N GLU B 131 12.65 -11.61 19.22
CA GLU B 131 13.58 -10.81 18.40
C GLU B 131 13.24 -10.81 16.90
N HIS B 132 12.68 -11.94 16.38
CA HIS B 132 12.28 -12.03 14.97
C HIS B 132 10.89 -11.40 14.78
N ASP B 133 10.77 -10.53 13.74
CA ASP B 133 9.52 -9.81 13.42
C ASP B 133 8.37 -10.74 12.97
N ASP B 134 8.72 -11.87 12.31
CA ASP B 134 7.75 -12.86 11.83
C ASP B 134 8.06 -14.26 12.44
N ILE B 135 7.28 -15.31 12.03
CA ILE B 135 7.40 -16.71 12.49
C ILE B 135 8.84 -17.26 12.32
N VAL B 136 9.43 -17.83 13.42
CA VAL B 136 10.74 -18.48 13.37
C VAL B 136 10.48 -19.89 12.82
N SER B 137 10.84 -20.13 11.54
CA SER B 137 10.54 -21.40 10.87
C SER B 137 11.60 -22.48 11.05
N THR B 138 12.86 -22.09 11.32
CA THR B 138 13.98 -23.06 11.44
C THR B 138 15.03 -22.65 12.50
N VAL B 139 15.59 -23.66 13.23
CA VAL B 139 16.65 -23.49 14.27
C VAL B 139 17.70 -24.60 14.17
N SER B 140 18.97 -24.28 14.52
CA SER B 140 20.09 -25.23 14.50
C SER B 140 21.16 -24.83 15.51
N VAL B 141 21.49 -25.75 16.44
CA VAL B 141 22.52 -25.51 17.47
C VAL B 141 23.92 -25.76 16.87
N LEU B 142 24.85 -24.80 17.06
CA LEU B 142 26.22 -24.92 16.53
C LEU B 142 27.06 -25.96 17.32
N SER B 143 28.19 -26.44 16.71
CA SER B 143 29.08 -27.47 17.28
C SER B 143 29.51 -27.26 18.75
N SER B 144 29.74 -25.98 19.16
CA SER B 144 30.16 -25.63 20.54
C SER B 144 29.09 -25.99 21.59
N GLY B 145 27.81 -25.86 21.22
CA GLY B 145 26.69 -26.15 22.11
C GLY B 145 26.29 -24.97 22.97
N THR B 146 27.03 -23.84 22.84
CA THR B 146 26.79 -22.58 23.59
C THR B 146 26.17 -21.51 22.66
N GLN B 147 26.19 -21.77 21.33
CA GLN B 147 25.66 -20.87 20.30
C GLN B 147 24.68 -21.61 19.37
N ALA B 148 23.65 -20.90 18.86
CA ALA B 148 22.63 -21.48 17.96
C ALA B 148 22.16 -20.46 16.91
N VAL B 149 21.88 -20.94 15.68
CA VAL B 149 21.42 -20.09 14.57
C VAL B 149 19.88 -20.28 14.29
N SER B 150 19.15 -19.16 14.03
CA SER B 150 17.71 -19.21 13.78
C SER B 150 17.31 -18.47 12.48
N GLY B 151 16.50 -19.14 11.66
CA GLY B 151 15.97 -18.59 10.41
C GLY B 151 14.47 -18.34 10.50
N SER B 152 14.04 -17.13 10.12
CA SER B 152 12.63 -16.73 10.24
C SER B 152 12.02 -16.19 8.93
N LYS B 153 10.65 -16.10 8.88
CA LYS B 153 9.88 -15.56 7.75
C LYS B 153 10.13 -14.05 7.54
N ASP B 154 10.71 -13.37 8.58
CA ASP B 154 11.05 -11.94 8.51
C ASP B 154 12.32 -11.68 7.64
N ILE B 155 12.78 -12.75 6.86
CA ILE B 155 13.95 -12.73 5.94
C ILE B 155 15.34 -12.73 6.74
N CYS B 156 15.31 -12.40 8.05
CA CYS B 156 16.51 -12.31 8.91
C CYS B 156 17.00 -13.67 9.44
N ILE B 157 18.32 -13.74 9.74
CA ILE B 157 19.03 -14.87 10.34
C ILE B 157 19.76 -14.34 11.60
N LYS B 158 19.55 -14.98 12.78
CA LYS B 158 20.16 -14.52 14.03
C LYS B 158 21.03 -15.57 14.70
N VAL B 159 22.22 -15.14 15.20
CA VAL B 159 23.15 -15.99 15.96
C VAL B 159 22.90 -15.69 17.44
N TRP B 160 22.47 -16.71 18.20
CA TRP B 160 22.11 -16.58 19.61
C TRP B 160 23.18 -17.07 20.58
N ASP B 161 23.24 -16.42 21.77
CA ASP B 161 24.12 -16.84 22.86
C ASP B 161 23.22 -17.57 23.88
N LEU B 162 23.29 -18.92 23.91
CA LEU B 162 22.44 -19.77 24.78
C LEU B 162 22.67 -19.54 26.28
N ALA B 163 23.89 -19.10 26.66
CA ALA B 163 24.24 -18.83 28.07
C ALA B 163 23.82 -17.42 28.49
N GLN B 164 24.18 -16.39 27.67
CA GLN B 164 23.87 -14.98 27.96
C GLN B 164 22.41 -14.59 27.63
N GLN B 165 21.68 -15.47 26.89
CA GLN B 165 20.26 -15.29 26.48
C GLN B 165 20.04 -14.03 25.57
N VAL B 166 21.07 -13.66 24.75
CA VAL B 166 21.02 -12.48 23.85
C VAL B 166 21.42 -12.81 22.40
N VAL B 167 21.10 -11.89 21.44
CA VAL B 167 21.45 -12.03 20.02
C VAL B 167 22.86 -11.44 19.77
N LEU B 168 23.79 -12.28 19.29
CA LEU B 168 25.17 -11.88 19.00
C LEU B 168 25.23 -11.06 17.70
N SER B 169 24.61 -11.59 16.60
CA SER B 169 24.59 -10.92 15.29
C SER B 169 23.26 -11.13 14.55
N SER B 170 22.75 -10.06 13.90
CA SER B 170 21.51 -10.10 13.11
C SER B 170 21.84 -9.87 11.62
N TYR B 171 21.63 -10.90 10.78
CA TYR B 171 21.96 -10.85 9.35
C TYR B 171 20.72 -10.82 8.47
N ARG B 172 20.69 -9.91 7.48
CA ARG B 172 19.62 -9.81 6.49
C ARG B 172 20.23 -10.01 5.09
N ALA B 173 20.80 -11.22 4.84
CA ALA B 173 21.47 -11.55 3.58
C ALA B 173 20.50 -11.95 2.47
N HIS B 174 19.37 -12.59 2.84
CA HIS B 174 18.37 -13.05 1.87
C HIS B 174 17.39 -11.94 1.43
N ALA B 175 16.45 -12.28 0.50
CA ALA B 175 15.42 -11.36 -0.01
C ALA B 175 13.99 -11.93 0.22
N ALA B 176 13.90 -13.22 0.60
CA ALA B 176 12.63 -13.90 0.89
C ALA B 176 12.72 -14.65 2.24
N GLN B 177 11.62 -15.34 2.65
CA GLN B 177 11.57 -16.10 3.92
C GLN B 177 12.62 -17.23 3.98
N VAL B 178 13.39 -17.30 5.11
CA VAL B 178 14.44 -18.31 5.30
C VAL B 178 13.78 -19.69 5.59
N THR B 179 13.90 -20.63 4.62
CA THR B 179 13.28 -21.97 4.72
C THR B 179 14.03 -22.91 5.69
N CYS B 180 15.39 -22.97 5.61
CA CYS B 180 16.18 -23.87 6.44
C CYS B 180 17.54 -23.31 6.85
N VAL B 181 17.92 -23.55 8.13
CA VAL B 181 19.25 -23.18 8.69
C VAL B 181 19.87 -24.43 9.32
N ALA B 182 21.08 -24.82 8.88
CA ALA B 182 21.75 -26.01 9.40
C ALA B 182 23.20 -25.74 9.76
N ALA B 183 23.53 -25.90 11.05
CA ALA B 183 24.89 -25.71 11.56
C ALA B 183 25.76 -26.88 11.13
N SER B 184 27.06 -26.61 10.79
CA SER B 184 28.02 -27.66 10.38
C SER B 184 28.24 -28.67 11.53
N PRO B 185 28.59 -29.96 11.22
CA PRO B 185 28.73 -30.96 12.30
C PRO B 185 29.80 -30.65 13.36
N HIS B 186 30.96 -30.04 12.97
CA HIS B 186 32.06 -29.80 13.93
C HIS B 186 32.73 -28.38 13.84
N LYS B 187 32.04 -27.38 13.22
CA LYS B 187 32.58 -26.02 13.11
C LYS B 187 31.59 -24.98 13.70
N ASP B 188 32.07 -24.15 14.67
CA ASP B 188 31.26 -23.13 15.37
C ASP B 188 30.99 -21.86 14.50
N SER B 189 31.76 -21.67 13.41
CA SER B 189 31.62 -20.51 12.51
C SER B 189 30.90 -20.85 11.20
N VAL B 190 31.02 -22.13 10.74
CA VAL B 190 30.42 -22.59 9.47
C VAL B 190 28.97 -23.11 9.65
N PHE B 191 28.05 -22.69 8.73
CA PHE B 191 26.64 -23.13 8.67
C PHE B 191 26.02 -22.84 7.30
N LEU B 192 24.90 -23.52 6.98
CA LEU B 192 24.18 -23.34 5.72
C LEU B 192 22.81 -22.75 5.94
N SER B 193 22.34 -21.91 4.99
CA SER B 193 21.02 -21.29 5.05
C SER B 193 20.42 -21.13 3.65
N CYS B 194 19.16 -21.58 3.47
CA CYS B 194 18.46 -21.47 2.19
C CYS B 194 17.13 -20.72 2.34
N SER B 195 16.68 -20.04 1.26
CA SER B 195 15.47 -19.23 1.27
C SER B 195 14.69 -19.33 -0.06
N GLU B 196 13.45 -18.75 -0.08
CA GLU B 196 12.57 -18.71 -1.26
C GLU B 196 13.07 -17.70 -2.35
N ASP B 197 14.28 -17.11 -2.14
CA ASP B 197 14.91 -16.20 -3.11
C ASP B 197 15.89 -16.99 -4.05
N ASN B 198 15.82 -18.37 -3.98
CA ASN B 198 16.64 -19.33 -4.76
C ASN B 198 18.16 -19.25 -4.40
N ARG B 199 18.48 -18.86 -3.13
CA ARG B 199 19.86 -18.75 -2.66
C ARG B 199 20.20 -19.78 -1.59
N ILE B 200 21.33 -20.52 -1.81
CA ILE B 200 21.89 -21.45 -0.81
C ILE B 200 23.16 -20.75 -0.34
N LEU B 201 23.15 -20.20 0.89
CA LEU B 201 24.30 -19.45 1.42
C LEU B 201 25.17 -20.26 2.37
N LEU B 202 26.49 -20.34 2.05
CA LEU B 202 27.47 -21.00 2.91
C LEU B 202 28.07 -19.90 3.81
N TRP B 203 27.83 -20.01 5.12
CA TRP B 203 28.28 -19.01 6.09
C TRP B 203 29.59 -19.38 6.77
N ASP B 204 30.35 -18.34 7.16
CA ASP B 204 31.62 -18.44 7.90
C ASP B 204 31.85 -17.10 8.59
N THR B 205 31.46 -16.99 9.89
CA THR B 205 31.56 -15.75 10.69
C THR B 205 33.03 -15.22 10.82
N ARG B 206 34.04 -16.04 10.43
CA ARG B 206 35.46 -15.66 10.45
C ARG B 206 35.79 -14.67 9.30
N CYS B 207 34.93 -14.64 8.24
CA CYS B 207 35.08 -13.75 7.07
C CYS B 207 34.45 -12.35 7.35
N PRO B 208 35.01 -11.22 6.75
CA PRO B 208 34.36 -9.89 6.94
C PRO B 208 32.94 -9.87 6.37
N LYS B 209 32.74 -10.59 5.23
CA LYS B 209 31.44 -10.83 4.61
C LYS B 209 31.14 -12.34 4.83
N PRO B 210 30.40 -12.69 5.94
CA PRO B 210 30.22 -14.13 6.29
C PRO B 210 29.48 -14.99 5.26
N ALA B 211 28.44 -14.44 4.61
CA ALA B 211 27.65 -15.18 3.63
C ALA B 211 28.40 -15.38 2.31
N SER B 212 28.14 -16.51 1.61
CA SER B 212 28.73 -16.83 0.32
C SER B 212 27.75 -17.68 -0.49
N GLN B 213 27.28 -17.16 -1.65
CA GLN B 213 26.31 -17.84 -2.53
C GLN B 213 26.91 -19.08 -3.19
N ILE B 214 26.35 -20.26 -2.85
CA ILE B 214 26.80 -21.55 -3.36
C ILE B 214 25.62 -22.35 -3.99
N GLY B 215 25.95 -23.40 -4.76
CA GLY B 215 24.94 -24.26 -5.38
C GLY B 215 25.13 -24.49 -6.87
N CYS B 216 24.00 -24.80 -7.57
CA CYS B 216 23.96 -25.07 -9.02
C CYS B 216 24.30 -23.82 -9.87
N SER B 217 24.68 -24.05 -11.16
CA SER B 217 25.04 -22.97 -12.11
C SER B 217 23.82 -22.11 -12.50
N ALA B 218 22.79 -22.75 -13.14
CA ALA B 218 21.57 -22.06 -13.59
C ALA B 218 20.47 -22.12 -12.50
N PRO B 219 19.72 -20.99 -12.24
CA PRO B 219 18.66 -21.04 -11.20
C PRO B 219 17.47 -21.94 -11.58
N GLY B 220 17.26 -22.99 -10.78
CA GLY B 220 16.19 -23.96 -11.00
C GLY B 220 15.01 -23.77 -10.06
N TYR B 221 14.76 -24.78 -9.20
CA TYR B 221 13.66 -24.74 -8.23
C TYR B 221 14.15 -24.35 -6.84
N LEU B 222 13.30 -23.64 -6.06
CA LEU B 222 13.64 -23.11 -4.73
C LEU B 222 14.11 -24.17 -3.72
N PRO B 223 15.23 -23.88 -2.96
CA PRO B 223 15.69 -24.86 -1.95
C PRO B 223 14.80 -24.86 -0.70
N THR B 224 14.46 -26.07 -0.18
CA THR B 224 13.53 -26.22 0.96
C THR B 224 14.15 -26.92 2.19
N SER B 225 15.12 -27.83 1.98
CA SER B 225 15.75 -28.58 3.08
C SER B 225 17.26 -28.66 2.93
N LEU B 226 18.00 -28.60 4.06
CA LEU B 226 19.48 -28.68 4.07
C LEU B 226 19.96 -29.74 5.07
N ALA B 227 20.98 -30.54 4.67
CA ALA B 227 21.57 -31.56 5.54
C ALA B 227 23.07 -31.73 5.30
N TRP B 228 23.87 -31.45 6.36
CA TRP B 228 25.33 -31.59 6.34
C TRP B 228 25.70 -33.07 6.42
N HIS B 229 26.78 -33.49 5.71
CA HIS B 229 27.26 -34.88 5.76
C HIS B 229 28.00 -35.12 7.10
N PRO B 230 27.72 -36.25 7.83
CA PRO B 230 28.38 -36.46 9.13
C PRO B 230 29.86 -36.89 9.05
N GLN B 231 30.29 -37.46 7.89
CA GLN B 231 31.68 -37.92 7.69
C GLN B 231 32.51 -36.89 6.91
N GLN B 232 31.96 -36.37 5.77
CA GLN B 232 32.64 -35.37 4.93
C GLN B 232 32.11 -33.95 5.27
N SER B 233 32.89 -33.19 6.10
CA SER B 233 32.50 -31.83 6.55
C SER B 233 32.56 -30.75 5.42
N GLU B 234 32.90 -31.16 4.17
CA GLU B 234 32.97 -30.25 3.02
C GLU B 234 31.81 -30.47 2.01
N VAL B 235 31.06 -31.60 2.15
CA VAL B 235 29.92 -31.90 1.26
C VAL B 235 28.57 -31.86 2.04
N PHE B 236 27.45 -31.63 1.31
CA PHE B 236 26.10 -31.59 1.90
C PHE B 236 25.03 -31.99 0.87
N VAL B 237 23.78 -32.13 1.32
CA VAL B 237 22.64 -32.46 0.45
C VAL B 237 21.51 -31.45 0.65
N PHE B 238 20.78 -31.15 -0.43
CA PHE B 238 19.64 -30.24 -0.37
C PHE B 238 18.47 -30.73 -1.20
N GLY B 239 17.26 -30.46 -0.71
CA GLY B 239 16.02 -30.82 -1.39
C GLY B 239 15.28 -29.59 -1.89
N ASP B 240 14.65 -29.69 -3.08
CA ASP B 240 13.92 -28.56 -3.65
C ASP B 240 12.38 -28.72 -3.54
N GLU B 241 11.63 -27.70 -4.02
CA GLU B 241 10.16 -27.65 -4.01
C GLU B 241 9.50 -28.61 -5.04
N ASN B 242 10.30 -29.13 -6.02
CA ASN B 242 9.80 -30.04 -7.07
C ASN B 242 9.96 -31.54 -6.69
N GLY B 243 10.68 -31.82 -5.60
CA GLY B 243 10.91 -33.17 -5.10
C GLY B 243 12.24 -33.79 -5.48
N THR B 244 13.24 -32.95 -5.84
CA THR B 244 14.57 -33.40 -6.24
C THR B 244 15.58 -33.20 -5.09
N VAL B 245 16.41 -34.24 -4.82
CA VAL B 245 17.47 -34.20 -3.79
C VAL B 245 18.84 -34.19 -4.52
N SER B 246 19.70 -33.19 -4.20
CA SER B 246 21.02 -33.04 -4.85
C SER B 246 22.18 -33.04 -3.86
N LEU B 247 23.30 -33.68 -4.25
CA LEU B 247 24.54 -33.75 -3.44
C LEU B 247 25.55 -32.73 -4.01
N VAL B 248 26.05 -31.81 -3.15
CA VAL B 248 26.97 -30.73 -3.57
C VAL B 248 28.20 -30.61 -2.64
N ASP B 249 29.40 -30.46 -3.25
CA ASP B 249 30.68 -30.23 -2.55
C ASP B 249 30.90 -28.69 -2.48
N THR B 250 31.21 -28.15 -1.27
CA THR B 250 31.44 -26.70 -1.08
C THR B 250 32.68 -26.20 -1.84
N LYS B 251 33.73 -27.07 -1.94
CA LYS B 251 34.98 -26.76 -2.65
C LYS B 251 34.77 -26.79 -4.18
N SER B 252 34.11 -27.87 -4.71
CA SER B 252 33.84 -28.04 -6.16
C SER B 252 32.79 -27.03 -6.69
N THR B 253 31.84 -26.58 -5.79
CA THR B 253 30.73 -25.61 -6.06
C THR B 253 29.97 -25.86 -7.45
N SER B 254 30.00 -27.11 -7.96
CA SER B 254 29.33 -27.51 -9.21
C SER B 254 28.50 -28.78 -8.99
N CYS B 255 27.15 -28.66 -9.11
CA CYS B 255 26.21 -29.78 -8.91
C CYS B 255 26.35 -30.85 -9.99
N VAL B 256 26.64 -32.11 -9.58
CA VAL B 256 26.83 -33.24 -10.52
C VAL B 256 25.87 -34.41 -10.23
N LEU B 257 25.55 -34.66 -8.93
CA LEU B 257 24.65 -35.77 -8.54
C LEU B 257 23.29 -35.25 -8.05
N SER B 258 22.19 -35.67 -8.76
CA SER B 258 20.81 -35.28 -8.43
C SER B 258 19.83 -36.41 -8.78
N SER B 259 18.72 -36.52 -8.02
CA SER B 259 17.69 -37.56 -8.23
C SER B 259 16.28 -37.06 -7.90
N ALA B 260 15.31 -37.37 -8.79
CA ALA B 260 13.90 -37.00 -8.58
C ALA B 260 13.28 -38.03 -7.61
N VAL B 261 13.51 -37.81 -6.30
CA VAL B 261 13.07 -38.71 -5.22
C VAL B 261 11.54 -38.67 -5.02
N HIS B 262 10.98 -37.47 -4.75
CA HIS B 262 9.55 -37.30 -4.49
C HIS B 262 8.81 -36.54 -5.61
N SER B 263 7.45 -36.53 -5.53
CA SER B 263 6.57 -35.83 -6.48
C SER B 263 6.21 -34.41 -5.96
N GLN B 264 6.42 -34.17 -4.63
CA GLN B 264 6.15 -32.88 -3.98
C GLN B 264 7.38 -32.39 -3.19
N CYS B 265 7.34 -31.11 -2.69
CA CYS B 265 8.39 -30.42 -1.94
C CYS B 265 9.10 -31.31 -0.88
N VAL B 266 10.48 -31.33 -0.90
CA VAL B 266 11.30 -32.08 0.08
C VAL B 266 11.41 -31.23 1.38
N THR B 267 10.61 -31.58 2.40
CA THR B 267 10.55 -30.83 3.67
C THR B 267 11.74 -31.08 4.60
N GLY B 268 12.27 -32.30 4.60
CA GLY B 268 13.39 -32.66 5.48
C GLY B 268 14.34 -33.70 4.94
N LEU B 269 15.61 -33.66 5.43
CA LEU B 269 16.68 -34.60 5.07
C LEU B 269 17.54 -34.88 6.31
N VAL B 270 17.63 -36.18 6.73
CA VAL B 270 18.39 -36.59 7.94
C VAL B 270 19.33 -37.79 7.61
N PHE B 271 20.64 -37.65 7.98
CA PHE B 271 21.65 -38.71 7.76
C PHE B 271 21.68 -39.71 8.92
N SER B 272 21.88 -41.01 8.61
CA SER B 272 21.97 -42.10 9.59
C SER B 272 23.32 -42.03 10.40
N PRO B 273 23.39 -42.63 11.65
CA PRO B 273 24.65 -42.55 12.43
C PRO B 273 25.75 -43.54 11.98
N HIS B 274 25.45 -44.39 10.95
CA HIS B 274 26.38 -45.42 10.39
C HIS B 274 27.69 -44.80 9.85
N SER B 275 28.78 -45.63 9.75
CA SER B 275 30.09 -45.22 9.19
C SER B 275 29.90 -44.84 7.71
N VAL B 276 29.05 -45.62 6.99
CA VAL B 276 28.62 -45.35 5.62
C VAL B 276 27.13 -44.83 5.76
N PRO B 277 26.92 -43.48 5.82
CA PRO B 277 25.57 -42.95 6.13
C PRO B 277 24.51 -43.16 5.06
N PHE B 278 23.25 -43.33 5.54
CA PHE B 278 22.04 -43.45 4.72
C PHE B 278 21.26 -42.15 4.84
N LEU B 279 20.70 -41.67 3.71
CA LEU B 279 19.95 -40.42 3.69
C LEU B 279 18.44 -40.63 3.71
N ALA B 280 17.78 -40.14 4.79
CA ALA B 280 16.32 -40.22 4.92
C ALA B 280 15.68 -38.96 4.35
N SER B 281 14.89 -39.11 3.27
CA SER B 281 14.21 -38.01 2.59
C SER B 281 12.75 -37.91 3.02
N LEU B 282 12.29 -36.69 3.35
CA LEU B 282 10.91 -36.40 3.80
C LEU B 282 10.24 -35.47 2.82
N SER B 283 8.91 -35.63 2.63
CA SER B 283 8.17 -34.79 1.67
C SER B 283 6.68 -34.60 2.01
N GLU B 284 6.02 -33.62 1.32
CA GLU B 284 4.60 -33.30 1.46
C GLU B 284 3.71 -34.31 0.69
N ASP B 285 4.35 -35.21 -0.14
CA ASP B 285 3.64 -36.24 -0.91
C ASP B 285 3.23 -37.46 -0.02
N CYS B 286 3.37 -37.31 1.34
CA CYS B 286 3.01 -38.30 2.37
C CYS B 286 3.84 -39.61 2.28
N SER B 287 5.10 -39.50 1.84
CA SER B 287 5.98 -40.66 1.72
C SER B 287 7.38 -40.41 2.26
N LEU B 288 8.01 -41.47 2.80
CA LEU B 288 9.37 -41.45 3.33
C LEU B 288 10.26 -42.31 2.44
N ALA B 289 11.48 -41.83 2.12
CA ALA B 289 12.42 -42.57 1.29
C ALA B 289 13.79 -42.64 1.92
N VAL B 290 14.47 -43.79 1.77
CA VAL B 290 15.84 -43.99 2.30
C VAL B 290 16.78 -44.21 1.12
N LEU B 291 17.80 -43.33 0.98
CA LEU B 291 18.77 -43.38 -0.11
C LEU B 291 20.18 -43.70 0.41
N ASP B 292 21.05 -44.25 -0.48
CA ASP B 292 22.43 -44.58 -0.14
C ASP B 292 23.36 -43.32 -0.25
N SER B 293 24.54 -43.46 -0.91
CA SER B 293 25.48 -42.36 -1.13
C SER B 293 25.38 -41.85 -2.58
N SER B 294 24.90 -42.74 -3.51
CA SER B 294 24.71 -42.41 -4.93
C SER B 294 23.24 -41.93 -5.21
N LEU B 295 22.47 -41.65 -4.09
CA LEU B 295 21.07 -41.18 -4.11
C LEU B 295 20.08 -42.16 -4.81
N SER B 296 20.32 -43.49 -4.67
CA SER B 296 19.46 -44.54 -5.23
C SER B 296 18.45 -45.00 -4.18
N GLU B 297 17.18 -45.26 -4.60
CA GLU B 297 16.10 -45.69 -3.70
C GLU B 297 16.34 -47.10 -3.11
N LEU B 298 16.43 -47.18 -1.77
CA LEU B 298 16.66 -48.43 -1.02
C LEU B 298 15.41 -48.87 -0.25
N PHE B 299 14.66 -47.90 0.30
CA PHE B 299 13.43 -48.14 1.08
C PHE B 299 12.44 -47.00 0.86
N ARG B 300 11.13 -47.34 0.75
CA ARG B 300 10.06 -46.34 0.58
C ARG B 300 8.82 -46.75 1.39
N SER B 301 8.36 -45.83 2.28
CA SER B 301 7.19 -46.08 3.12
C SER B 301 6.06 -45.08 2.85
N GLN B 302 4.83 -45.59 2.68
CA GLN B 302 3.63 -44.77 2.45
C GLN B 302 2.62 -44.94 3.63
N ALA B 303 3.16 -45.27 4.85
CA ALA B 303 2.37 -45.48 6.08
C ALA B 303 1.64 -44.21 6.52
N HIS B 304 2.29 -43.03 6.32
CA HIS B 304 1.70 -41.75 6.68
C HIS B 304 0.62 -41.36 5.66
N ARG B 305 -0.59 -41.03 6.15
CA ARG B 305 -1.72 -40.61 5.31
C ARG B 305 -1.77 -39.06 5.16
N ASP B 306 -0.77 -38.37 5.76
CA ASP B 306 -0.62 -36.91 5.71
C ASP B 306 0.90 -36.52 5.60
N PHE B 307 1.21 -35.18 5.53
CA PHE B 307 2.57 -34.62 5.38
C PHE B 307 3.57 -35.23 6.38
N VAL B 308 4.71 -35.78 5.87
CA VAL B 308 5.79 -36.36 6.72
C VAL B 308 6.71 -35.19 7.11
N ARG B 309 6.78 -34.86 8.42
CA ARG B 309 7.50 -33.67 8.91
C ARG B 309 8.93 -33.92 9.40
N ASP B 310 9.13 -34.86 10.36
CA ASP B 310 10.47 -35.10 10.92
C ASP B 310 10.87 -36.57 10.95
N ALA B 311 12.20 -36.84 11.01
CA ALA B 311 12.76 -38.19 11.06
C ALA B 311 14.04 -38.23 11.91
N THR B 312 14.18 -39.29 12.74
CA THR B 312 15.37 -39.50 13.60
C THR B 312 15.68 -40.95 13.73
N TRP B 313 16.95 -41.31 13.49
CA TRP B 313 17.44 -42.67 13.60
C TRP B 313 17.70 -42.99 15.08
N SER B 314 17.30 -44.20 15.54
CA SER B 314 17.48 -44.62 16.94
C SER B 314 18.98 -44.81 17.29
N PRO B 315 19.46 -44.22 18.44
CA PRO B 315 20.90 -44.35 18.79
C PRO B 315 21.30 -45.77 19.20
N LEU B 316 20.35 -46.55 19.79
CA LEU B 316 20.59 -47.93 20.20
C LEU B 316 20.60 -48.86 18.97
N ASN B 317 19.47 -48.90 18.22
CA ASN B 317 19.36 -49.68 16.98
C ASN B 317 19.49 -48.74 15.77
N HIS B 318 20.66 -48.78 15.10
CA HIS B 318 20.96 -47.91 13.96
C HIS B 318 20.12 -48.23 12.69
N SER B 319 19.38 -49.38 12.71
CA SER B 319 18.51 -49.78 11.60
C SER B 319 17.04 -49.32 11.84
N LEU B 320 16.77 -48.67 13.00
CA LEU B 320 15.43 -48.17 13.36
C LEU B 320 15.31 -46.66 13.07
N LEU B 321 14.24 -46.25 12.33
CA LEU B 321 13.98 -44.85 11.98
C LEU B 321 12.53 -44.46 12.35
N THR B 322 12.40 -43.42 13.21
CA THR B 322 11.10 -42.92 13.68
C THR B 322 10.68 -41.66 12.90
N THR B 323 9.44 -41.66 12.34
CA THR B 323 8.91 -40.51 11.56
C THR B 323 7.56 -40.04 12.10
N VAL B 324 7.34 -38.70 12.09
CA VAL B 324 6.07 -38.09 12.52
C VAL B 324 5.41 -37.29 11.39
N GLY B 325 4.11 -37.10 11.50
CA GLY B 325 3.33 -36.35 10.51
C GLY B 325 2.18 -35.57 11.10
N TRP B 326 1.44 -34.83 10.25
CA TRP B 326 0.27 -34.05 10.67
C TRP B 326 -0.97 -34.96 10.94
N ASP B 327 -0.84 -36.29 10.61
CA ASP B 327 -1.89 -37.30 10.85
C ASP B 327 -1.82 -37.88 12.29
N HIS B 328 -0.96 -37.27 13.18
CA HIS B 328 -0.75 -37.68 14.58
C HIS B 328 -0.19 -39.15 14.70
N GLN B 329 0.62 -39.57 13.69
CA GLN B 329 1.22 -40.91 13.65
C GLN B 329 2.72 -40.87 13.97
N VAL B 330 3.19 -41.76 14.87
CA VAL B 330 4.61 -41.89 15.24
C VAL B 330 5.08 -43.28 14.77
N VAL B 331 5.30 -43.42 13.44
CA VAL B 331 5.67 -44.69 12.79
C VAL B 331 7.14 -45.03 13.00
N HIS B 332 7.43 -46.31 13.37
CA HIS B 332 8.79 -46.83 13.56
C HIS B 332 9.11 -47.79 12.40
N HIS B 333 10.14 -47.45 11.59
CA HIS B 333 10.53 -48.22 10.39
C HIS B 333 11.77 -49.10 10.62
N VAL B 334 11.83 -50.25 9.90
CA VAL B 334 12.98 -51.17 9.95
C VAL B 334 13.74 -51.06 8.61
N VAL B 335 14.87 -50.31 8.62
CA VAL B 335 15.70 -50.07 7.43
C VAL B 335 16.72 -51.23 7.22
N PRO B 336 16.63 -51.98 6.07
CA PRO B 336 17.60 -53.08 5.82
C PRO B 336 18.94 -52.56 5.31
N1 QKY C . -12.09 27.72 -16.65
C4 QKY C . -8.61 26.98 -17.87
C5 QKY C . -7.99 26.33 -18.92
C6 QKY C . -8.71 25.88 -20.00
C7 QKY C . -10.08 26.07 -20.03
C8 QKY C . -10.72 26.72 -18.98
C10 QKY C . -11.67 30.50 -16.87
C13 QKY C . -13.81 32.58 -19.37
C15 QKY C . -11.39 33.27 -19.62
C17 QKY C . -11.13 27.06 -13.18
O QKY C . -9.00 27.84 -15.01
C QKY C . -10.16 27.75 -15.39
C16 QKY C . -11.05 32.48 -18.35
N2 QKY C . -13.54 26.98 -14.84
N QKY C . -11.23 27.40 -14.60
C1 QKY C . -10.68 28.06 -16.81
C2 QKY C . -12.39 27.35 -15.38
C3 QKY C . -10.00 27.20 -17.89
C9 QKY C . -10.46 29.57 -17.07
C14 QKY C . -12.85 33.75 -19.60
C12 QKY C . -13.45 31.81 -18.10
C11 QKY C . -12.00 31.29 -18.13
C1 EDO D . 2.94 8.64 -11.17
O1 EDO D . 3.60 7.39 -11.02
C2 EDO D . 3.81 9.77 -10.54
O2 EDO D . 3.16 11.01 -10.66
C1 GOL E . -24.89 34.17 -17.13
O1 GOL E . -23.56 34.68 -17.26
C2 GOL E . -25.80 34.73 -18.20
O2 GOL E . -25.71 36.16 -18.22
C3 GOL E . -25.47 34.18 -19.58
O3 GOL E . -25.77 32.79 -19.66
#